data_1KEW
#
_entry.id   1KEW
#
_cell.length_a   169.897
_cell.length_b   169.897
_cell.length_c   92.834
_cell.angle_alpha   90.00
_cell.angle_beta   90.00
_cell.angle_gamma   120.00
#
_symmetry.space_group_name_H-M   'P 61'
#
loop_
_entity.id
_entity.type
_entity.pdbx_description
1 polymer 'dTDP-D-glucose 4,6-dehydratase'
2 non-polymer "THYMIDINE-5'-DIPHOSPHATE"
3 non-polymer NICOTINAMIDE-ADENINE-DINUCLEOTIDE
4 non-polymer GLYCEROL
5 water water
#
_entity_poly.entity_id   1
_entity_poly.type   'polypeptide(L)'
_entity_poly.pdbx_seq_one_letter_code
;MKILITGGAGFIGSAVVRHIIKNTQDTVVNIDKLTYAGNLESLSDISESNRYNFEHADICDSAEITRIFEQYQPDAVMHL
AAESHVDRSITGPAAFIETNIVGTYALLEVARKYWSALGEDKKNNFRFHHISTDEVYGDLPHPDEVENSVTLPLFTETTA
YAPSSPYSASKASSDHLVRAWRRTYGLPTIVTNCSNNYGPYHFPEKLIPLVILNALEGKPLPIYGKGDQIRDWLYVEDHA
RALHMVVTEGKAGETYNIGGHNEKKNLDVVFTICDLLDEIVPKATSYREQITYVADRPGHDRRYAIDAGKISRELGWKPL
ETFESGIRKTVEWYLANTQWVNNVKSGAYQSWIEQNYEGRQ
;
_entity_poly.pdbx_strand_id   A,B
#
# COMPACT_ATOMS: atom_id res chain seq x y z
N MET A 1 28.24 3.61 15.71
CA MET A 1 26.75 3.51 15.72
C MET A 1 26.31 2.05 15.64
N LYS A 2 25.27 1.71 16.40
CA LYS A 2 24.73 0.36 16.43
C LYS A 2 23.59 0.30 15.41
N ILE A 3 23.72 -0.55 14.39
CA ILE A 3 22.69 -0.64 13.37
C ILE A 3 21.94 -1.97 13.42
N LEU A 4 20.63 -1.92 13.51
CA LEU A 4 19.82 -3.12 13.52
C LEU A 4 19.40 -3.32 12.06
N ILE A 5 19.76 -4.46 11.50
CA ILE A 5 19.45 -4.73 10.10
C ILE A 5 18.58 -5.98 9.96
N THR A 6 17.46 -5.85 9.25
CA THR A 6 16.59 -7.00 9.04
C THR A 6 16.93 -7.51 7.64
N GLY A 7 16.85 -8.84 7.46
CA GLY A 7 17.14 -9.42 6.17
C GLY A 7 18.61 -9.39 5.79
N GLY A 8 19.48 -9.35 6.80
CA GLY A 8 20.90 -9.28 6.57
C GLY A 8 21.54 -10.54 6.01
N ALA A 9 20.80 -11.65 5.99
CA ALA A 9 21.35 -12.90 5.46
C ALA A 9 20.96 -13.09 4.00
N GLY A 10 20.34 -12.06 3.42
CA GLY A 10 19.92 -12.14 2.03
C GLY A 10 20.97 -11.57 1.08
N PHE A 11 20.60 -11.44 -0.18
CA PHE A 11 21.49 -10.92 -1.23
C PHE A 11 22.02 -9.51 -0.96
N ILE A 12 21.14 -8.51 -0.94
CA ILE A 12 21.55 -7.14 -0.69
C ILE A 12 21.90 -6.94 0.78
N GLY A 13 21.14 -7.58 1.66
CA GLY A 13 21.40 -7.46 3.08
C GLY A 13 22.79 -7.91 3.48
N SER A 14 23.24 -9.05 2.95
CA SER A 14 24.57 -9.54 3.29
C SER A 14 25.64 -8.57 2.77
N ALA A 15 25.38 -7.94 1.63
CA ALA A 15 26.33 -6.98 1.08
C ALA A 15 26.42 -5.78 2.03
N VAL A 16 25.27 -5.36 2.57
CA VAL A 16 25.26 -4.23 3.51
C VAL A 16 26.04 -4.60 4.77
N VAL A 17 25.78 -5.78 5.31
CA VAL A 17 26.46 -6.24 6.51
C VAL A 17 27.97 -6.37 6.30
N ARG A 18 28.37 -6.98 5.19
CA ARG A 18 29.80 -7.14 4.91
C ARG A 18 30.48 -5.79 4.79
N HIS A 19 29.82 -4.85 4.12
CA HIS A 19 30.36 -3.51 3.92
C HIS A 19 30.56 -2.78 5.24
N ILE A 20 29.55 -2.84 6.11
CA ILE A 20 29.62 -2.18 7.40
C ILE A 20 30.76 -2.70 8.26
N ILE A 21 30.88 -4.02 8.38
CA ILE A 21 31.93 -4.63 9.18
C ILE A 21 33.32 -4.40 8.61
N LYS A 22 33.44 -4.51 7.28
CA LYS A 22 34.72 -4.34 6.63
C LYS A 22 35.20 -2.90 6.42
N ASN A 23 34.28 -2.00 6.12
CA ASN A 23 34.67 -0.62 5.84
C ASN A 23 34.18 0.51 6.74
N THR A 24 33.56 0.19 7.87
CA THR A 24 33.10 1.24 8.78
C THR A 24 33.39 0.87 10.22
N GLN A 25 33.09 1.79 11.13
CA GLN A 25 33.29 1.57 12.55
C GLN A 25 31.98 1.25 13.26
N ASP A 26 30.90 1.12 12.48
CA ASP A 26 29.59 0.83 13.06
C ASP A 26 29.47 -0.65 13.42
N THR A 27 28.51 -0.95 14.29
CA THR A 27 28.28 -2.33 14.70
C THR A 27 26.95 -2.79 14.10
N VAL A 28 26.75 -4.09 14.05
CA VAL A 28 25.54 -4.64 13.44
C VAL A 28 24.88 -5.78 14.19
N VAL A 29 23.56 -5.73 14.27
CA VAL A 29 22.79 -6.82 14.83
C VAL A 29 21.87 -7.17 13.67
N ASN A 30 22.03 -8.39 13.16
CA ASN A 30 21.29 -8.90 12.01
C ASN A 30 20.12 -9.79 12.40
N ILE A 31 18.91 -9.36 12.05
CA ILE A 31 17.71 -10.14 12.32
C ILE A 31 17.25 -10.75 11.00
N ASP A 32 17.24 -12.08 10.93
CA ASP A 32 16.82 -12.75 9.70
C ASP A 32 16.14 -14.08 10.02
N LYS A 33 14.99 -14.31 9.38
CA LYS A 33 14.18 -15.50 9.59
C LYS A 33 14.78 -16.73 8.89
N LEU A 34 15.71 -16.50 7.98
CA LEU A 34 16.33 -17.56 7.20
C LEU A 34 15.32 -18.36 6.39
N THR A 35 14.66 -17.69 5.46
CA THR A 35 13.70 -18.34 4.58
C THR A 35 14.56 -19.04 3.52
N TYR A 36 13.93 -19.46 2.43
CA TYR A 36 14.65 -20.13 1.34
C TYR A 36 15.74 -19.20 0.84
N ALA A 37 15.56 -17.89 1.04
CA ALA A 37 16.50 -16.89 0.57
C ALA A 37 17.57 -16.46 1.56
N GLY A 38 17.43 -16.89 2.81
CA GLY A 38 18.41 -16.54 3.83
C GLY A 38 19.58 -17.50 3.75
N ASN A 39 20.80 -16.98 3.90
CA ASN A 39 21.98 -17.82 3.81
C ASN A 39 23.12 -17.31 4.67
N LEU A 40 23.36 -17.94 5.82
CA LEU A 40 24.44 -17.49 6.69
C LEU A 40 25.81 -17.63 6.04
N GLU A 41 25.90 -18.48 5.02
CA GLU A 41 27.18 -18.65 4.32
C GLU A 41 27.61 -17.38 3.63
N SER A 42 26.65 -16.51 3.31
CA SER A 42 26.95 -15.25 2.66
C SER A 42 27.60 -14.27 3.63
N LEU A 43 27.61 -14.62 4.91
CA LEU A 43 28.20 -13.76 5.94
C LEU A 43 29.42 -14.39 6.61
N SER A 44 29.87 -15.51 6.06
CA SER A 44 31.02 -16.24 6.61
C SER A 44 32.26 -15.40 6.87
N ASP A 45 32.50 -14.39 6.04
CA ASP A 45 33.69 -13.56 6.19
C ASP A 45 33.64 -12.57 7.36
N ILE A 46 32.47 -12.37 7.95
CA ILE A 46 32.36 -11.42 9.07
C ILE A 46 31.61 -11.92 10.29
N SER A 47 31.06 -13.13 10.22
CA SER A 47 30.29 -13.71 11.31
C SER A 47 30.99 -13.82 12.67
N GLU A 48 32.33 -13.80 12.67
CA GLU A 48 33.08 -13.92 13.92
C GLU A 48 33.42 -12.59 14.56
N SER A 49 33.19 -11.50 13.84
CA SER A 49 33.47 -10.17 14.36
C SER A 49 32.71 -9.87 15.64
N ASN A 50 33.36 -9.19 16.58
CA ASN A 50 32.72 -8.85 17.84
C ASN A 50 31.76 -7.69 17.58
N ARG A 51 31.83 -7.11 16.39
CA ARG A 51 30.96 -6.00 16.02
C ARG A 51 29.73 -6.48 15.27
N TYR A 52 29.57 -7.79 15.20
CA TYR A 52 28.45 -8.41 14.51
C TYR A 52 27.74 -9.43 15.40
N ASN A 53 26.41 -9.40 15.38
CA ASN A 53 25.60 -10.33 16.15
C ASN A 53 24.43 -10.76 15.30
N PHE A 54 24.10 -12.04 15.36
CA PHE A 54 22.99 -12.57 14.58
C PHE A 54 21.84 -13.03 15.44
N GLU A 55 20.63 -12.66 15.04
CA GLU A 55 19.43 -13.06 15.74
C GLU A 55 18.49 -13.74 14.74
N HIS A 56 18.26 -15.03 14.94
CA HIS A 56 17.37 -15.78 14.06
C HIS A 56 15.93 -15.48 14.51
N ALA A 57 15.26 -14.59 13.79
CA ALA A 57 13.89 -14.22 14.15
C ALA A 57 13.07 -13.69 12.96
N ASP A 58 11.76 -13.68 13.15
CA ASP A 58 10.78 -13.23 12.16
C ASP A 58 10.36 -11.82 12.54
N ILE A 59 10.35 -10.88 11.59
CA ILE A 59 9.95 -9.51 11.91
C ILE A 59 8.50 -9.43 12.39
N CYS A 60 7.73 -10.49 12.15
CA CYS A 60 6.33 -10.50 12.60
C CYS A 60 6.21 -10.88 14.08
N ASP A 61 7.30 -11.42 14.63
CA ASP A 61 7.33 -11.83 16.04
C ASP A 61 7.57 -10.59 16.91
N SER A 62 6.52 -9.80 17.11
CA SER A 62 6.62 -8.57 17.88
C SER A 62 7.32 -8.67 19.24
N ALA A 63 6.98 -9.69 20.02
CA ALA A 63 7.60 -9.84 21.34
C ALA A 63 9.11 -10.02 21.27
N GLU A 64 9.56 -10.87 20.35
CA GLU A 64 11.00 -11.12 20.19
C GLU A 64 11.71 -9.91 19.58
N ILE A 65 11.11 -9.28 18.59
CA ILE A 65 11.73 -8.11 17.97
C ILE A 65 11.84 -7.00 19.02
N THR A 66 10.80 -6.86 19.83
CA THR A 66 10.80 -5.86 20.90
C THR A 66 11.99 -6.13 21.84
N ARG A 67 12.13 -7.39 22.25
CA ARG A 67 13.21 -7.79 23.15
C ARG A 67 14.59 -7.51 22.54
N ILE A 68 14.74 -7.78 21.25
CA ILE A 68 16.00 -7.56 20.57
C ILE A 68 16.34 -6.07 20.53
N PHE A 69 15.35 -5.21 20.27
CA PHE A 69 15.62 -3.78 20.25
C PHE A 69 16.14 -3.34 21.62
N GLU A 70 15.51 -3.83 22.68
CA GLU A 70 15.93 -3.46 24.04
C GLU A 70 17.31 -4.01 24.40
N GLN A 71 17.65 -5.18 23.87
CA GLN A 71 18.95 -5.76 24.20
C GLN A 71 20.11 -5.04 23.50
N TYR A 72 19.94 -4.75 22.22
CA TYR A 72 20.99 -4.09 21.45
C TYR A 72 20.97 -2.58 21.39
N GLN A 73 19.83 -1.98 21.74
CA GLN A 73 19.70 -0.52 21.74
C GLN A 73 20.26 0.13 20.47
N PRO A 74 19.68 -0.20 19.31
CA PRO A 74 20.14 0.35 18.03
C PRO A 74 19.96 1.85 17.87
N ASP A 75 20.88 2.47 17.14
CA ASP A 75 20.83 3.90 16.86
C ASP A 75 20.11 4.10 15.54
N ALA A 76 20.00 3.04 14.76
CA ALA A 76 19.34 3.10 13.46
C ALA A 76 18.88 1.73 13.03
N VAL A 77 17.92 1.72 12.12
CA VAL A 77 17.38 0.48 11.58
C VAL A 77 17.47 0.52 10.05
N MET A 78 17.86 -0.60 9.46
CA MET A 78 17.93 -0.73 8.00
C MET A 78 17.07 -1.95 7.75
N HIS A 79 15.89 -1.73 7.19
CA HIS A 79 14.92 -2.78 6.95
C HIS A 79 14.95 -3.36 5.53
N LEU A 80 15.59 -4.51 5.37
CA LEU A 80 15.66 -5.15 4.05
C LEU A 80 14.91 -6.47 3.99
N ALA A 81 14.48 -7.00 5.13
CA ALA A 81 13.76 -8.27 5.16
C ALA A 81 12.50 -8.21 4.32
N ALA A 82 12.36 -9.17 3.41
CA ALA A 82 11.19 -9.21 2.54
C ALA A 82 11.20 -10.43 1.63
N GLU A 83 10.04 -10.70 1.04
CA GLU A 83 9.91 -11.75 0.03
C GLU A 83 10.19 -10.90 -1.20
N SER A 84 11.18 -11.28 -2.00
CA SER A 84 11.59 -10.45 -3.13
C SER A 84 11.37 -10.88 -4.57
N HIS A 85 10.80 -12.06 -4.79
CA HIS A 85 10.64 -12.54 -6.16
C HIS A 85 9.25 -12.39 -6.79
N VAL A 86 9.17 -11.56 -7.82
CA VAL A 86 7.91 -11.31 -8.52
C VAL A 86 7.24 -12.62 -8.94
N ASP A 87 8.01 -13.54 -9.52
CA ASP A 87 7.42 -14.80 -9.96
C ASP A 87 6.82 -15.62 -8.82
N ARG A 88 7.45 -15.60 -7.65
CA ARG A 88 6.89 -16.34 -6.51
C ARG A 88 5.63 -15.63 -6.02
N SER A 89 5.57 -14.31 -6.17
CA SER A 89 4.41 -13.55 -5.72
C SER A 89 3.19 -13.79 -6.59
N ILE A 90 3.42 -14.17 -7.84
CA ILE A 90 2.31 -14.43 -8.75
C ILE A 90 1.57 -15.72 -8.38
N THR A 91 2.31 -16.75 -8.00
CA THR A 91 1.69 -18.02 -7.63
C THR A 91 1.47 -18.18 -6.13
N GLY A 92 2.19 -17.41 -5.32
CA GLY A 92 2.05 -17.49 -3.87
C GLY A 92 2.13 -16.11 -3.24
N PRO A 93 1.13 -15.25 -3.45
CA PRO A 93 1.09 -13.89 -2.91
C PRO A 93 0.99 -13.75 -1.39
N ALA A 94 0.42 -14.75 -0.72
CA ALA A 94 0.25 -14.68 0.73
C ALA A 94 1.50 -14.31 1.51
N ALA A 95 2.62 -14.95 1.19
CA ALA A 95 3.87 -14.67 1.88
C ALA A 95 4.33 -13.22 1.71
N PHE A 96 3.96 -12.61 0.59
CA PHE A 96 4.35 -11.22 0.33
C PHE A 96 3.48 -10.27 1.15
N ILE A 97 2.19 -10.56 1.22
CA ILE A 97 1.29 -9.73 2.02
C ILE A 97 1.76 -9.79 3.47
N GLU A 98 1.99 -11.01 3.95
CA GLU A 98 2.42 -11.26 5.32
C GLU A 98 3.76 -10.62 5.71
N THR A 99 4.82 -10.96 4.98
CA THR A 99 6.14 -10.43 5.30
C THR A 99 6.37 -8.97 4.93
N ASN A 100 6.02 -8.60 3.70
CA ASN A 100 6.27 -7.25 3.23
C ASN A 100 5.36 -6.18 3.80
N ILE A 101 4.07 -6.48 3.93
CA ILE A 101 3.16 -5.48 4.46
C ILE A 101 2.98 -5.61 5.96
N VAL A 102 2.42 -6.73 6.42
CA VAL A 102 2.19 -6.92 7.85
C VAL A 102 3.49 -6.91 8.65
N GLY A 103 4.54 -7.48 8.07
CA GLY A 103 5.82 -7.51 8.76
C GLY A 103 6.43 -6.13 8.92
N THR A 104 6.26 -5.26 7.92
CA THR A 104 6.78 -3.91 8.01
C THR A 104 5.96 -3.18 9.08
N TYR A 105 4.65 -3.43 9.09
CA TYR A 105 3.79 -2.81 10.08
C TYR A 105 4.26 -3.22 11.49
N ALA A 106 4.47 -4.52 11.69
CA ALA A 106 4.91 -5.02 12.99
C ALA A 106 6.22 -4.39 13.42
N LEU A 107 7.17 -4.28 12.48
CA LEU A 107 8.46 -3.70 12.79
C LEU A 107 8.33 -2.21 13.09
N LEU A 108 7.49 -1.52 12.33
CA LEU A 108 7.28 -0.09 12.55
C LEU A 108 6.72 0.18 13.95
N GLU A 109 5.82 -0.68 14.41
CA GLU A 109 5.25 -0.49 15.74
C GLU A 109 6.31 -0.70 16.82
N VAL A 110 7.16 -1.71 16.65
CA VAL A 110 8.21 -1.93 17.64
C VAL A 110 9.15 -0.72 17.61
N ALA A 111 9.53 -0.29 16.40
CA ALA A 111 10.42 0.86 16.26
C ALA A 111 9.82 2.13 16.85
N ARG A 112 8.52 2.35 16.61
CA ARG A 112 7.85 3.55 17.11
C ARG A 112 7.89 3.58 18.64
N LYS A 113 7.48 2.48 19.28
CA LYS A 113 7.47 2.43 20.73
C LYS A 113 8.87 2.61 21.29
N TYR A 114 9.85 1.99 20.65
CA TYR A 114 11.25 2.09 21.08
C TYR A 114 11.73 3.54 20.97
N TRP A 115 11.57 4.12 19.78
CA TRP A 115 11.98 5.50 19.53
C TRP A 115 11.31 6.49 20.49
N SER A 116 10.01 6.34 20.70
CA SER A 116 9.28 7.24 21.58
C SER A 116 9.83 7.30 23.00
N ALA A 117 10.37 6.18 23.47
CA ALA A 117 10.90 6.11 24.83
C ALA A 117 12.39 6.40 24.98
N LEU A 118 13.04 6.81 23.89
CA LEU A 118 14.46 7.11 23.93
C LEU A 118 14.77 8.45 24.59
N GLY A 119 16.02 8.61 25.02
CA GLY A 119 16.42 9.87 25.63
C GLY A 119 16.47 10.93 24.56
N GLU A 120 16.30 12.19 24.93
CA GLU A 120 16.29 13.31 23.98
C GLU A 120 17.34 13.19 22.88
N ASP A 121 18.57 12.95 23.28
CA ASP A 121 19.70 12.81 22.36
C ASP A 121 19.50 11.69 21.32
N LYS A 122 19.44 10.47 21.83
CA LYS A 122 19.28 9.28 20.99
C LYS A 122 17.99 9.37 20.15
N LYS A 123 16.92 9.90 20.73
CA LYS A 123 15.65 10.02 20.03
C LYS A 123 15.75 10.92 18.79
N ASN A 124 16.45 12.04 18.93
CA ASN A 124 16.60 12.97 17.80
C ASN A 124 17.48 12.40 16.69
N ASN A 125 18.44 11.56 17.05
CA ASN A 125 19.35 11.01 16.05
C ASN A 125 18.93 9.66 15.47
N PHE A 126 17.94 9.02 16.06
CA PHE A 126 17.47 7.72 15.58
C PHE A 126 16.98 7.82 14.14
N ARG A 127 17.18 6.76 13.36
CA ARG A 127 16.74 6.75 11.96
C ARG A 127 16.21 5.37 11.60
N PHE A 128 15.07 5.34 10.89
CA PHE A 128 14.48 4.08 10.42
C PHE A 128 14.56 4.15 8.90
N HIS A 129 15.50 3.40 8.34
CA HIS A 129 15.73 3.37 6.90
C HIS A 129 15.02 2.18 6.27
N HIS A 130 14.02 2.46 5.44
CA HIS A 130 13.24 1.43 4.76
C HIS A 130 13.82 1.22 3.36
N ILE A 131 14.30 0.02 3.09
CA ILE A 131 14.87 -0.29 1.78
C ILE A 131 13.78 -0.81 0.85
N SER A 132 13.58 -0.12 -0.27
CA SER A 132 12.54 -0.53 -1.19
C SER A 132 13.00 -0.61 -2.65
N THR A 133 12.04 -0.78 -3.55
CA THR A 133 12.31 -0.99 -4.96
C THR A 133 11.69 0.01 -5.93
N ASP A 134 12.26 0.08 -7.13
CA ASP A 134 11.74 0.98 -8.16
C ASP A 134 10.43 0.45 -8.72
N GLU A 135 10.12 -0.81 -8.46
CA GLU A 135 8.91 -1.41 -8.99
C GLU A 135 7.60 -0.80 -8.46
N VAL A 136 7.69 -0.06 -7.36
CA VAL A 136 6.50 0.57 -6.79
C VAL A 136 5.94 1.61 -7.75
N TYR A 137 6.80 2.13 -8.63
CA TYR A 137 6.42 3.16 -9.59
C TYR A 137 5.65 2.64 -10.80
N GLY A 138 5.57 1.33 -10.96
CA GLY A 138 4.86 0.78 -12.10
C GLY A 138 5.78 0.64 -13.30
N ASP A 139 5.20 0.69 -14.49
CA ASP A 139 5.97 0.52 -15.73
C ASP A 139 6.19 1.86 -16.44
N LEU A 140 7.24 1.92 -17.25
CA LEU A 140 7.56 3.13 -18.00
C LEU A 140 7.40 2.87 -19.49
N PRO A 141 7.18 3.93 -20.28
CA PRO A 141 7.02 3.76 -21.73
C PRO A 141 8.28 3.08 -22.26
N HIS A 142 8.11 2.16 -23.21
CA HIS A 142 9.22 1.42 -23.79
C HIS A 142 9.68 2.12 -25.08
N PRO A 143 10.98 2.01 -25.41
CA PRO A 143 11.51 2.64 -26.63
C PRO A 143 10.72 2.33 -27.89
N ASP A 144 10.11 1.15 -27.96
CA ASP A 144 9.34 0.77 -29.14
C ASP A 144 7.90 1.25 -29.12
N GLU A 145 7.59 2.17 -28.21
CA GLU A 145 6.23 2.70 -28.10
C GLU A 145 6.23 4.21 -28.35
N VAL A 146 7.42 4.79 -28.48
CA VAL A 146 7.53 6.22 -28.70
C VAL A 146 8.41 6.56 -29.90
N GLU A 147 8.37 7.82 -30.31
CA GLU A 147 9.16 8.30 -31.44
C GLU A 147 10.65 8.12 -31.13
N ASN A 148 11.39 7.61 -32.11
CA ASN A 148 12.82 7.37 -31.96
C ASN A 148 13.60 8.65 -31.69
N SER A 149 12.89 9.72 -31.37
CA SER A 149 13.53 11.01 -31.08
C SER A 149 13.18 11.54 -29.70
N VAL A 150 11.98 11.23 -29.22
CA VAL A 150 11.53 11.69 -27.91
C VAL A 150 12.36 11.08 -26.78
N THR A 151 12.57 11.87 -25.72
CA THR A 151 13.33 11.41 -24.58
C THR A 151 12.45 10.57 -23.66
N LEU A 152 12.89 9.35 -23.36
CA LEU A 152 12.15 8.45 -22.51
C LEU A 152 12.14 8.91 -21.06
N PRO A 153 10.98 8.79 -20.38
CA PRO A 153 10.89 9.22 -18.98
C PRO A 153 11.60 8.25 -18.05
N LEU A 154 11.97 8.74 -16.88
CA LEU A 154 12.67 7.95 -15.87
C LEU A 154 11.87 8.03 -14.57
N PHE A 155 12.15 7.12 -13.64
CA PHE A 155 11.49 7.13 -12.34
C PHE A 155 12.17 8.19 -11.46
N THR A 156 11.40 9.12 -10.91
CA THR A 156 11.97 10.12 -10.01
C THR A 156 11.28 9.92 -8.66
N GLU A 157 11.75 10.59 -7.62
CA GLU A 157 11.16 10.45 -6.30
C GLU A 157 9.70 10.96 -6.21
N THR A 158 9.25 11.69 -7.24
CA THR A 158 7.88 12.19 -7.23
C THR A 158 6.97 11.42 -8.19
N THR A 159 7.50 10.37 -8.81
CA THR A 159 6.71 9.57 -9.72
C THR A 159 5.62 8.86 -8.92
N ALA A 160 4.40 8.86 -9.45
CA ALA A 160 3.29 8.23 -8.77
C ALA A 160 3.41 6.71 -8.69
N TYR A 161 3.00 6.15 -7.55
CA TYR A 161 3.03 4.70 -7.36
C TYR A 161 1.98 4.03 -8.24
N ALA A 162 2.34 2.91 -8.83
CA ALA A 162 1.42 2.16 -9.67
C ALA A 162 1.95 0.74 -9.84
N PRO A 163 2.08 0.00 -8.72
CA PRO A 163 2.59 -1.38 -8.72
C PRO A 163 1.78 -2.36 -9.55
N SER A 164 2.48 -3.18 -10.33
CA SER A 164 1.83 -4.16 -11.22
C SER A 164 1.65 -5.57 -10.66
N SER A 165 2.55 -5.99 -9.79
CA SER A 165 2.50 -7.35 -9.25
C SER A 165 2.23 -7.41 -7.76
N PRO A 166 1.90 -8.61 -7.25
CA PRO A 166 1.64 -8.73 -5.81
C PRO A 166 2.92 -8.30 -5.06
N TYR A 167 4.08 -8.66 -5.61
CA TYR A 167 5.34 -8.25 -4.98
C TYR A 167 5.46 -6.73 -4.92
N SER A 168 5.36 -6.05 -6.07
CA SER A 168 5.52 -4.61 -6.05
C SER A 168 4.39 -3.90 -5.30
N ALA A 169 3.20 -4.48 -5.29
CA ALA A 169 2.09 -3.87 -4.55
C ALA A 169 2.40 -3.98 -3.05
N SER A 170 3.02 -5.09 -2.66
CA SER A 170 3.39 -5.32 -1.26
C SER A 170 4.45 -4.31 -0.82
N LYS A 171 5.41 -4.04 -1.70
CA LYS A 171 6.46 -3.08 -1.37
C LYS A 171 5.92 -1.66 -1.36
N ALA A 172 5.04 -1.33 -2.32
CA ALA A 172 4.45 0.00 -2.37
C ALA A 172 3.70 0.24 -1.07
N SER A 173 2.95 -0.76 -0.63
CA SER A 173 2.18 -0.67 0.61
C SER A 173 3.12 -0.45 1.80
N SER A 174 4.22 -1.19 1.85
CA SER A 174 5.15 -1.03 2.96
C SER A 174 5.71 0.39 2.98
N ASP A 175 6.00 0.94 1.80
CA ASP A 175 6.50 2.31 1.72
C ASP A 175 5.49 3.29 2.33
N HIS A 176 4.21 3.09 2.00
CA HIS A 176 3.16 3.98 2.52
C HIS A 176 3.09 3.91 4.05
N LEU A 177 3.21 2.72 4.60
CA LEU A 177 3.16 2.57 6.05
C LEU A 177 4.31 3.35 6.68
N VAL A 178 5.50 3.22 6.09
CA VAL A 178 6.66 3.92 6.63
C VAL A 178 6.45 5.43 6.64
N ARG A 179 5.95 5.98 5.54
CA ARG A 179 5.72 7.42 5.46
C ARG A 179 4.57 7.87 6.37
N ALA A 180 3.53 7.06 6.48
CA ALA A 180 2.40 7.42 7.34
C ALA A 180 2.85 7.43 8.81
N TRP A 181 3.72 6.50 9.18
CA TRP A 181 4.20 6.45 10.56
C TRP A 181 5.02 7.70 10.85
N ARG A 182 5.71 8.20 9.83
CA ARG A 182 6.50 9.42 9.96
C ARG A 182 5.57 10.61 10.15
N ARG A 183 4.59 10.75 9.26
CA ARG A 183 3.65 11.87 9.33
C ARG A 183 2.78 11.86 10.58
N THR A 184 2.30 10.68 10.97
CA THR A 184 1.42 10.55 12.12
C THR A 184 2.10 10.56 13.49
N TYR A 185 3.20 9.84 13.62
CA TYR A 185 3.90 9.74 14.90
C TYR A 185 5.22 10.50 15.02
N GLY A 186 5.76 10.93 13.89
CA GLY A 186 7.02 11.67 13.90
C GLY A 186 8.26 10.79 13.78
N LEU A 187 8.05 9.49 13.61
CA LEU A 187 9.17 8.56 13.49
C LEU A 187 10.10 9.03 12.37
N PRO A 188 11.40 9.14 12.64
CA PRO A 188 12.42 9.59 11.67
C PRO A 188 12.70 8.52 10.60
N THR A 189 11.87 8.48 9.56
CA THR A 189 12.05 7.47 8.52
C THR A 189 12.69 8.01 7.25
N ILE A 190 13.26 7.08 6.48
CA ILE A 190 13.87 7.41 5.20
C ILE A 190 13.54 6.24 4.29
N VAL A 191 13.19 6.52 3.05
CA VAL A 191 12.86 5.47 2.11
C VAL A 191 13.77 5.54 0.90
N THR A 192 14.28 4.39 0.47
CA THR A 192 15.11 4.35 -0.73
C THR A 192 14.45 3.37 -1.69
N ASN A 193 14.49 3.68 -2.98
CA ASN A 193 13.91 2.82 -4.00
C ASN A 193 15.00 2.62 -5.05
N CYS A 194 15.50 1.40 -5.16
CA CYS A 194 16.59 1.15 -6.10
C CYS A 194 16.19 0.28 -7.27
N SER A 195 17.01 0.35 -8.32
CA SER A 195 16.80 -0.44 -9.53
C SER A 195 17.23 -1.88 -9.24
N ASN A 196 17.14 -2.74 -10.25
CA ASN A 196 17.53 -4.13 -10.08
C ASN A 196 19.00 -4.25 -9.63
N ASN A 197 19.25 -5.17 -8.72
CA ASN A 197 20.62 -5.40 -8.23
C ASN A 197 21.12 -6.71 -8.83
N TYR A 198 22.43 -6.85 -8.91
CA TYR A 198 23.05 -8.09 -9.40
C TYR A 198 24.44 -8.13 -8.80
N GLY A 199 25.05 -9.31 -8.79
CA GLY A 199 26.39 -9.44 -8.23
C GLY A 199 26.54 -10.68 -7.37
N PRO A 200 27.60 -10.73 -6.54
CA PRO A 200 27.88 -11.85 -5.65
C PRO A 200 26.77 -12.17 -4.65
N TYR A 201 26.64 -13.47 -4.34
CA TYR A 201 25.65 -13.97 -3.38
C TYR A 201 24.19 -13.78 -3.77
N HIS A 202 23.92 -13.70 -5.07
CA HIS A 202 22.57 -13.50 -5.57
C HIS A 202 21.89 -14.87 -5.64
N PHE A 203 20.69 -15.01 -5.06
CA PHE A 203 20.00 -16.29 -5.11
C PHE A 203 19.63 -16.59 -6.55
N PRO A 204 19.97 -17.79 -7.04
CA PRO A 204 19.74 -18.28 -8.40
C PRO A 204 18.31 -18.33 -8.94
N GLU A 205 17.44 -17.39 -8.54
CA GLU A 205 16.09 -17.38 -9.06
C GLU A 205 15.85 -16.11 -9.87
N LYS A 206 16.74 -15.12 -9.70
CA LYS A 206 16.65 -13.88 -10.44
C LYS A 206 17.37 -14.07 -11.78
N LEU A 207 17.03 -13.25 -12.77
CA LEU A 207 17.60 -13.38 -14.11
C LEU A 207 19.08 -13.73 -14.23
N ILE A 208 19.94 -12.80 -13.82
CA ILE A 208 21.37 -12.98 -13.94
C ILE A 208 21.97 -14.22 -13.28
N PRO A 209 21.74 -14.43 -11.97
CA PRO A 209 22.34 -15.63 -11.39
C PRO A 209 21.73 -16.93 -11.94
N LEU A 210 20.45 -16.90 -12.30
CA LEU A 210 19.80 -18.09 -12.86
C LEU A 210 20.45 -18.41 -14.20
N VAL A 211 20.66 -17.38 -15.01
CA VAL A 211 21.26 -17.58 -16.33
C VAL A 211 22.70 -18.08 -16.21
N ILE A 212 23.48 -17.49 -15.32
CA ILE A 212 24.86 -17.91 -15.15
C ILE A 212 24.95 -19.38 -14.74
N LEU A 213 24.21 -19.77 -13.71
CA LEU A 213 24.24 -21.14 -13.26
C LEU A 213 23.66 -22.13 -14.26
N ASN A 214 22.55 -21.78 -14.89
CA ASN A 214 21.95 -22.67 -15.88
C ASN A 214 22.91 -22.86 -17.06
N ALA A 215 23.57 -21.78 -17.45
CA ALA A 215 24.52 -21.84 -18.55
C ALA A 215 25.61 -22.86 -18.25
N LEU A 216 26.22 -22.74 -17.08
CA LEU A 216 27.28 -23.64 -16.66
C LEU A 216 26.83 -25.09 -16.51
N GLU A 217 25.57 -25.29 -16.15
CA GLU A 217 25.05 -26.64 -15.98
C GLU A 217 24.50 -27.23 -17.28
N GLY A 218 24.58 -26.47 -18.36
CA GLY A 218 24.10 -26.95 -19.64
C GLY A 218 22.59 -26.91 -19.79
N LYS A 219 21.93 -26.12 -18.95
CA LYS A 219 20.48 -26.00 -18.97
C LYS A 219 20.02 -24.81 -19.81
N PRO A 220 18.72 -24.77 -20.14
CA PRO A 220 18.16 -23.67 -20.94
C PRO A 220 18.25 -22.33 -20.20
N LEU A 221 18.36 -21.24 -20.95
CA LEU A 221 18.40 -19.89 -20.38
C LEU A 221 17.05 -19.33 -20.79
N PRO A 222 16.07 -19.38 -19.87
CA PRO A 222 14.70 -18.90 -20.11
C PRO A 222 14.45 -17.41 -20.30
N ILE A 223 14.01 -17.06 -21.52
CA ILE A 223 13.73 -15.68 -21.85
C ILE A 223 12.21 -15.45 -21.89
N TYR A 224 11.70 -14.66 -20.95
CA TYR A 224 10.27 -14.38 -20.90
C TYR A 224 9.90 -13.50 -22.10
N GLY A 225 8.92 -13.94 -22.87
CA GLY A 225 8.50 -13.16 -24.02
C GLY A 225 9.64 -12.96 -25.00
N LYS A 226 9.78 -11.76 -25.53
CA LYS A 226 10.85 -11.47 -26.49
C LYS A 226 12.17 -11.02 -25.89
N GLY A 227 12.20 -10.85 -24.57
CA GLY A 227 13.44 -10.43 -23.93
C GLY A 227 13.85 -9.02 -24.31
N ASP A 228 12.89 -8.22 -24.76
CA ASP A 228 13.17 -6.84 -25.12
C ASP A 228 12.83 -5.93 -23.94
N GLN A 229 12.36 -6.53 -22.85
CA GLN A 229 12.02 -5.78 -21.65
C GLN A 229 13.31 -5.17 -21.10
N ILE A 230 13.20 -4.01 -20.48
CA ILE A 230 14.35 -3.30 -19.97
C ILE A 230 14.42 -3.16 -18.45
N ARG A 231 15.64 -3.34 -17.93
CA ARG A 231 15.89 -3.22 -16.49
C ARG A 231 17.13 -2.34 -16.32
N ASP A 232 17.22 -1.68 -15.16
CA ASP A 232 18.32 -0.78 -14.82
C ASP A 232 19.19 -1.55 -13.82
N TRP A 233 20.40 -1.94 -14.24
CA TRP A 233 21.26 -2.76 -13.39
C TRP A 233 22.30 -2.08 -12.52
N LEU A 234 22.18 -2.29 -11.21
CA LEU A 234 23.13 -1.72 -10.24
C LEU A 234 23.87 -2.84 -9.51
N TYR A 235 25.19 -2.74 -9.46
CA TYR A 235 26.01 -3.74 -8.78
C TYR A 235 25.67 -3.69 -7.28
N VAL A 236 25.45 -4.85 -6.68
CA VAL A 236 25.07 -4.92 -5.27
C VAL A 236 26.00 -4.20 -4.30
N GLU A 237 27.30 -4.23 -4.56
CA GLU A 237 28.22 -3.54 -3.67
C GLU A 237 28.02 -2.03 -3.77
N ASP A 238 27.60 -1.55 -4.94
CA ASP A 238 27.35 -0.12 -5.12
C ASP A 238 26.09 0.28 -4.35
N HIS A 239 25.10 -0.61 -4.37
CA HIS A 239 23.85 -0.33 -3.64
C HIS A 239 24.18 -0.27 -2.15
N ALA A 240 24.97 -1.23 -1.68
CA ALA A 240 25.35 -1.29 -0.27
C ALA A 240 26.03 -0.02 0.21
N ARG A 241 26.92 0.53 -0.60
CA ARG A 241 27.62 1.76 -0.24
C ARG A 241 26.61 2.91 -0.16
N ALA A 242 25.70 2.96 -1.13
CA ALA A 242 24.69 4.01 -1.14
C ALA A 242 23.81 3.91 0.10
N LEU A 243 23.44 2.69 0.47
CA LEU A 243 22.56 2.49 1.62
C LEU A 243 23.20 2.92 2.94
N HIS A 244 24.49 2.65 3.13
CA HIS A 244 25.12 3.06 4.37
C HIS A 244 25.25 4.58 4.41
N MET A 245 25.41 5.19 3.23
CA MET A 245 25.53 6.63 3.13
C MET A 245 24.19 7.26 3.50
N VAL A 246 23.11 6.66 3.02
CA VAL A 246 21.76 7.18 3.30
C VAL A 246 21.40 7.09 4.78
N VAL A 247 21.61 5.93 5.39
CA VAL A 247 21.26 5.78 6.80
C VAL A 247 22.11 6.70 7.68
N THR A 248 23.31 7.01 7.23
CA THR A 248 24.23 7.86 7.98
C THR A 248 24.06 9.35 7.72
N GLU A 249 23.86 9.74 6.46
CA GLU A 249 23.73 11.14 6.09
C GLU A 249 22.39 11.56 5.54
N GLY A 250 21.53 10.60 5.24
CA GLY A 250 20.22 10.92 4.69
C GLY A 250 19.40 11.76 5.64
N LYS A 251 18.48 12.56 5.09
CA LYS A 251 17.62 13.43 5.89
C LYS A 251 16.29 12.75 6.19
N ALA A 252 15.84 12.81 7.43
CA ALA A 252 14.58 12.20 7.82
C ALA A 252 13.43 12.74 6.98
N GLY A 253 12.55 11.85 6.54
CA GLY A 253 11.39 12.24 5.75
C GLY A 253 11.66 12.30 4.25
N GLU A 254 12.91 12.06 3.86
CA GLU A 254 13.27 12.11 2.44
C GLU A 254 13.24 10.74 1.77
N THR A 255 13.14 10.77 0.45
CA THR A 255 13.15 9.55 -0.35
C THR A 255 14.31 9.72 -1.32
N TYR A 256 15.03 8.64 -1.58
CA TYR A 256 16.15 8.68 -2.50
C TYR A 256 16.10 7.48 -3.45
N ASN A 257 16.02 7.75 -4.75
CA ASN A 257 16.03 6.68 -5.74
C ASN A 257 17.51 6.32 -5.88
N ILE A 258 17.79 5.04 -6.11
CA ILE A 258 19.17 4.60 -6.27
C ILE A 258 19.30 3.79 -7.54
N GLY A 259 20.30 4.13 -8.35
CA GLY A 259 20.52 3.42 -9.59
C GLY A 259 21.77 3.94 -10.27
N GLY A 260 22.26 3.23 -11.27
CA GLY A 260 23.46 3.66 -11.97
C GLY A 260 23.22 4.10 -13.40
N HIS A 261 21.96 4.26 -13.78
CA HIS A 261 21.61 4.68 -15.14
C HIS A 261 22.25 3.70 -16.13
N ASN A 262 21.84 2.44 -16.03
CA ASN A 262 22.35 1.38 -16.89
C ASN A 262 21.22 0.55 -17.47
N GLU A 263 20.38 1.15 -18.32
CA GLU A 263 19.27 0.42 -18.92
C GLU A 263 19.80 -0.63 -19.89
N LYS A 264 19.28 -1.85 -19.79
CA LYS A 264 19.69 -2.95 -20.66
C LYS A 264 18.49 -3.83 -20.97
N LYS A 265 18.45 -4.39 -22.17
CA LYS A 265 17.37 -5.30 -22.54
C LYS A 265 17.78 -6.67 -22.01
N ASN A 266 16.81 -7.43 -21.50
CA ASN A 266 17.09 -8.75 -20.96
C ASN A 266 17.93 -9.65 -21.87
N LEU A 267 17.52 -9.76 -23.13
CA LEU A 267 18.24 -10.61 -24.07
C LEU A 267 19.70 -10.18 -24.21
N ASP A 268 19.93 -8.87 -24.22
CA ASP A 268 21.29 -8.32 -24.34
C ASP A 268 22.14 -8.75 -23.14
N VAL A 269 21.53 -8.73 -21.97
CA VAL A 269 22.22 -9.14 -20.75
C VAL A 269 22.59 -10.62 -20.86
N VAL A 270 21.66 -11.42 -21.36
CA VAL A 270 21.91 -12.85 -21.49
C VAL A 270 23.05 -13.12 -22.50
N PHE A 271 23.02 -12.42 -23.63
CA PHE A 271 24.08 -12.59 -24.62
C PHE A 271 25.44 -12.20 -24.01
N THR A 272 25.44 -11.15 -23.20
CA THR A 272 26.67 -10.69 -22.55
C THR A 272 27.23 -11.76 -21.64
N ILE A 273 26.37 -12.39 -20.86
CA ILE A 273 26.79 -13.46 -19.96
C ILE A 273 27.32 -14.63 -20.79
N CYS A 274 26.59 -14.99 -21.84
CA CYS A 274 27.01 -16.10 -22.70
C CYS A 274 28.38 -15.86 -23.31
N ASP A 275 28.61 -14.65 -23.82
CA ASP A 275 29.90 -14.34 -24.42
C ASP A 275 31.03 -14.37 -23.40
N LEU A 276 30.70 -13.96 -22.17
CA LEU A 276 31.68 -13.94 -21.10
C LEU A 276 32.08 -15.38 -20.78
N LEU A 277 31.09 -16.26 -20.73
CA LEU A 277 31.35 -17.67 -20.44
C LEU A 277 32.07 -18.35 -21.61
N ASP A 278 31.75 -17.95 -22.84
CA ASP A 278 32.40 -18.55 -24.00
C ASP A 278 33.90 -18.26 -23.92
N GLU A 279 34.23 -17.10 -23.36
CA GLU A 279 35.61 -16.66 -23.21
C GLU A 279 36.35 -17.28 -22.03
N ILE A 280 35.70 -17.28 -20.88
CA ILE A 280 36.31 -17.80 -19.64
C ILE A 280 36.25 -19.31 -19.48
N VAL A 281 35.13 -19.92 -19.86
CA VAL A 281 34.95 -21.35 -19.74
C VAL A 281 34.48 -21.93 -21.08
N PRO A 282 35.31 -21.79 -22.12
CA PRO A 282 34.93 -22.28 -23.44
C PRO A 282 34.68 -23.78 -23.47
N LYS A 283 33.71 -24.18 -24.29
CA LYS A 283 33.37 -25.58 -24.46
C LYS A 283 33.10 -25.82 -25.94
N ALA A 284 32.76 -27.05 -26.30
CA ALA A 284 32.49 -27.41 -27.69
C ALA A 284 31.56 -26.46 -28.42
N THR A 285 30.45 -26.09 -27.79
CA THR A 285 29.50 -25.17 -28.40
C THR A 285 29.34 -23.91 -27.56
N SER A 286 28.78 -22.87 -28.18
CA SER A 286 28.57 -21.60 -27.50
C SER A 286 27.42 -21.71 -26.52
N TYR A 287 27.54 -21.05 -25.37
CA TYR A 287 26.48 -21.07 -24.38
C TYR A 287 25.22 -20.45 -24.97
N ARG A 288 25.37 -19.66 -26.04
CA ARG A 288 24.23 -19.03 -26.68
C ARG A 288 23.20 -20.05 -27.15
N GLU A 289 23.66 -21.25 -27.47
CA GLU A 289 22.74 -22.27 -27.95
C GLU A 289 21.73 -22.72 -26.90
N GLN A 290 21.93 -22.28 -25.66
CA GLN A 290 21.02 -22.64 -24.59
C GLN A 290 19.93 -21.58 -24.39
N ILE A 291 20.07 -20.44 -25.05
CA ILE A 291 19.06 -19.39 -24.94
C ILE A 291 17.74 -19.95 -25.44
N THR A 292 16.70 -19.84 -24.62
CA THR A 292 15.40 -20.39 -24.97
C THR A 292 14.25 -19.46 -24.64
N TYR A 293 13.41 -19.18 -25.62
CA TYR A 293 12.26 -18.31 -25.38
C TYR A 293 11.17 -19.13 -24.69
N VAL A 294 10.51 -18.53 -23.71
CA VAL A 294 9.44 -19.21 -22.98
C VAL A 294 8.27 -18.27 -22.76
N ALA A 295 7.15 -18.81 -22.28
CA ALA A 295 5.97 -17.99 -22.03
C ALA A 295 6.30 -16.79 -21.17
N ASP A 296 5.72 -15.65 -21.50
CA ASP A 296 5.97 -14.40 -20.80
C ASP A 296 5.36 -14.41 -19.40
N ARG A 297 5.88 -13.53 -18.55
CA ARG A 297 5.41 -13.39 -17.18
C ARG A 297 4.11 -12.59 -17.21
N PRO A 298 3.08 -13.06 -16.49
CA PRO A 298 1.79 -12.35 -16.47
C PRO A 298 1.99 -10.94 -15.90
N GLY A 299 1.45 -9.92 -16.59
CA GLY A 299 1.56 -8.54 -16.12
C GLY A 299 2.96 -7.94 -16.14
N HIS A 300 3.86 -8.58 -16.87
CA HIS A 300 5.26 -8.16 -16.98
C HIS A 300 5.46 -6.66 -17.25
N ASP A 301 6.26 -5.99 -16.41
CA ASP A 301 6.57 -4.57 -16.62
C ASP A 301 7.68 -4.57 -17.66
N ARG A 302 7.47 -3.83 -18.76
CA ARG A 302 8.45 -3.83 -19.83
C ARG A 302 9.66 -2.91 -19.70
N ARG A 303 9.63 -1.93 -18.79
CA ARG A 303 10.78 -1.05 -18.63
C ARG A 303 10.90 -0.30 -17.31
N TYR A 304 12.04 -0.50 -16.65
CA TYR A 304 12.35 0.21 -15.40
C TYR A 304 13.61 1.00 -15.71
N ALA A 305 13.66 2.23 -15.21
CA ALA A 305 14.81 3.11 -15.41
C ALA A 305 14.76 4.17 -14.32
N ILE A 306 15.76 4.16 -13.45
CA ILE A 306 15.83 5.10 -12.32
C ILE A 306 16.64 6.37 -12.58
N ASP A 307 16.11 7.50 -12.09
CA ASP A 307 16.82 8.76 -12.19
C ASP A 307 17.39 8.94 -10.79
N ALA A 308 18.71 8.77 -10.66
CA ALA A 308 19.37 8.90 -9.37
C ALA A 308 20.00 10.27 -9.19
N GLY A 309 19.46 11.27 -9.89
CA GLY A 309 20.00 12.62 -9.79
C GLY A 309 19.97 13.19 -8.38
N LYS A 310 18.88 12.98 -7.66
CA LYS A 310 18.75 13.51 -6.31
C LYS A 310 19.81 13.01 -5.33
N ILE A 311 19.98 11.70 -5.22
CA ILE A 311 20.96 11.18 -4.29
C ILE A 311 22.36 11.60 -4.69
N SER A 312 22.58 11.77 -5.99
CA SER A 312 23.87 12.19 -6.50
C SER A 312 24.22 13.60 -6.05
N ARG A 313 23.32 14.54 -6.28
CA ARG A 313 23.58 15.94 -5.90
C ARG A 313 23.41 16.24 -4.41
N GLU A 314 22.63 15.43 -3.70
CA GLU A 314 22.42 15.68 -2.28
C GLU A 314 23.37 14.92 -1.35
N LEU A 315 23.74 13.70 -1.72
CA LEU A 315 24.65 12.91 -0.90
C LEU A 315 25.99 12.65 -1.57
N GLY A 316 26.08 12.95 -2.87
CA GLY A 316 27.32 12.76 -3.59
C GLY A 316 27.64 11.32 -3.93
N TRP A 317 26.65 10.45 -3.87
CA TRP A 317 26.87 9.04 -4.17
C TRP A 317 27.01 8.78 -5.67
N LYS A 318 27.96 7.91 -6.01
CA LYS A 318 28.21 7.52 -7.39
C LYS A 318 28.62 6.06 -7.42
N PRO A 319 28.09 5.30 -8.39
CA PRO A 319 28.46 3.88 -8.47
C PRO A 319 29.91 3.75 -8.93
N LEU A 320 30.62 2.77 -8.40
CA LEU A 320 32.02 2.56 -8.77
C LEU A 320 32.16 1.62 -9.96
N GLU A 321 31.17 0.75 -10.14
CA GLU A 321 31.20 -0.20 -11.26
C GLU A 321 30.39 0.31 -12.45
N THR A 322 30.67 -0.26 -13.61
CA THR A 322 29.93 0.05 -14.83
C THR A 322 29.26 -1.32 -15.03
N PHE A 323 28.25 -1.41 -15.88
CA PHE A 323 27.64 -2.73 -16.04
C PHE A 323 28.68 -3.71 -16.58
N GLU A 324 29.53 -3.22 -17.49
CA GLU A 324 30.57 -4.06 -18.07
C GLU A 324 31.48 -4.65 -17.00
N SER A 325 32.01 -3.80 -16.12
CA SER A 325 32.90 -4.28 -15.07
C SER A 325 32.18 -5.14 -14.06
N GLY A 326 30.96 -4.75 -13.71
CA GLY A 326 30.19 -5.51 -12.74
C GLY A 326 29.76 -6.89 -13.19
N ILE A 327 29.28 -7.00 -14.43
CA ILE A 327 28.81 -8.30 -14.91
C ILE A 327 29.98 -9.29 -15.01
N ARG A 328 31.18 -8.80 -15.35
CA ARG A 328 32.33 -9.69 -15.42
C ARG A 328 32.69 -10.16 -14.01
N LYS A 329 32.66 -9.24 -13.05
CA LYS A 329 32.96 -9.60 -11.67
C LYS A 329 31.95 -10.62 -11.16
N THR A 330 30.71 -10.49 -11.61
CA THR A 330 29.66 -11.41 -11.18
C THR A 330 29.90 -12.81 -11.73
N VAL A 331 30.18 -12.90 -13.03
CA VAL A 331 30.42 -14.22 -13.62
C VAL A 331 31.64 -14.85 -12.94
N GLU A 332 32.69 -14.06 -12.75
CA GLU A 332 33.90 -14.56 -12.10
C GLU A 332 33.62 -15.03 -10.67
N TRP A 333 32.72 -14.33 -9.98
CA TRP A 333 32.39 -14.72 -8.61
C TRP A 333 31.74 -16.08 -8.55
N TYR A 334 30.77 -16.34 -9.43
CA TYR A 334 30.11 -17.64 -9.41
C TYR A 334 31.03 -18.78 -9.77
N LEU A 335 31.99 -18.51 -10.66
CA LEU A 335 32.95 -19.54 -11.06
C LEU A 335 33.91 -19.87 -9.91
N ALA A 336 34.16 -18.88 -9.06
CA ALA A 336 35.07 -19.05 -7.93
C ALA A 336 34.41 -19.51 -6.64
N ASN A 337 33.09 -19.57 -6.62
CA ASN A 337 32.36 -19.96 -5.41
C ASN A 337 31.40 -21.13 -5.59
N THR A 338 31.88 -22.24 -6.14
CA THR A 338 31.00 -23.39 -6.34
C THR A 338 30.53 -23.98 -5.02
N GLN A 339 31.28 -23.73 -3.95
CA GLN A 339 30.89 -24.23 -2.64
C GLN A 339 29.56 -23.58 -2.24
N TRP A 340 29.52 -22.25 -2.30
CA TRP A 340 28.32 -21.49 -1.96
C TRP A 340 27.18 -21.91 -2.89
N VAL A 341 27.47 -22.00 -4.18
CA VAL A 341 26.44 -22.37 -5.15
C VAL A 341 25.84 -23.75 -4.92
N ASN A 342 26.67 -24.73 -4.55
CA ASN A 342 26.15 -26.06 -4.32
C ASN A 342 25.30 -26.18 -3.08
N ASN A 343 25.61 -25.36 -2.08
CA ASN A 343 24.85 -25.38 -0.84
C ASN A 343 23.48 -24.74 -1.03
N VAL A 344 23.42 -23.63 -1.76
CA VAL A 344 22.15 -22.94 -1.98
C VAL A 344 21.24 -23.66 -2.97
N LYS A 345 21.70 -24.77 -3.53
CA LYS A 345 20.87 -25.50 -4.47
C LYS A 345 20.38 -26.80 -3.86
N SER A 346 19.28 -26.69 -3.13
CA SER A 346 18.64 -27.80 -2.44
C SER A 346 17.45 -28.34 -3.22
N GLY A 347 16.74 -29.27 -2.60
CA GLY A 347 15.58 -29.85 -3.25
C GLY A 347 14.47 -28.82 -3.31
N ALA A 348 14.50 -27.86 -2.40
CA ALA A 348 13.50 -26.80 -2.36
C ALA A 348 13.67 -25.93 -3.60
N TYR A 349 14.91 -25.58 -3.90
CA TYR A 349 15.21 -24.76 -5.06
C TYR A 349 14.77 -25.46 -6.33
N GLN A 350 15.07 -26.75 -6.41
CA GLN A 350 14.70 -27.53 -7.59
C GLN A 350 13.18 -27.56 -7.76
N SER A 351 12.46 -27.62 -6.64
CA SER A 351 11.00 -27.63 -6.70
C SER A 351 10.47 -26.33 -7.27
N TRP A 352 11.11 -25.21 -6.95
CA TRP A 352 10.69 -23.92 -7.48
C TRP A 352 10.93 -23.88 -8.98
N ILE A 353 12.10 -24.37 -9.40
CA ILE A 353 12.44 -24.39 -10.82
C ILE A 353 11.40 -25.19 -11.59
N GLU A 354 11.04 -26.36 -11.08
CA GLU A 354 10.04 -27.20 -11.74
C GLU A 354 8.70 -26.48 -11.77
N GLN A 355 8.36 -25.82 -10.67
CA GLN A 355 7.09 -25.11 -10.58
C GLN A 355 6.98 -23.94 -11.56
N ASN A 356 8.02 -23.13 -11.63
CA ASN A 356 8.00 -21.96 -12.50
C ASN A 356 8.44 -22.17 -13.95
N TYR A 357 9.23 -23.20 -14.21
CA TYR A 357 9.73 -23.43 -15.58
C TYR A 357 9.28 -24.65 -16.37
N GLU A 358 9.06 -25.79 -15.72
CA GLU A 358 8.64 -26.96 -16.48
C GLU A 358 7.15 -26.90 -16.76
N GLY A 359 6.78 -27.07 -18.02
CA GLY A 359 5.38 -27.02 -18.40
C GLY A 359 4.88 -25.60 -18.18
N ARG A 360 5.80 -24.65 -18.24
CA ARG A 360 5.49 -23.24 -18.03
C ARG A 360 4.42 -22.70 -18.98
N GLN A 361 3.44 -22.02 -18.39
CA GLN A 361 2.33 -21.41 -19.11
C GLN A 361 2.03 -22.02 -20.47
N MET B 1 -29.25 -8.17 -12.05
CA MET B 1 -27.84 -8.45 -11.66
C MET B 1 -27.72 -8.71 -10.16
N LYS B 2 -26.95 -9.74 -9.82
CA LYS B 2 -26.72 -10.12 -8.43
C LYS B 2 -25.46 -9.40 -7.96
N ILE B 3 -25.60 -8.54 -6.96
CA ILE B 3 -24.46 -7.79 -6.46
C ILE B 3 -24.05 -8.20 -5.06
N LEU B 4 -22.80 -8.62 -4.89
CA LEU B 4 -22.30 -9.01 -3.58
C LEU B 4 -21.65 -7.74 -3.03
N ILE B 5 -22.14 -7.29 -1.89
CA ILE B 5 -21.64 -6.07 -1.27
C ILE B 5 -21.06 -6.35 0.11
N THR B 6 -19.86 -5.86 0.36
CA THR B 6 -19.24 -6.06 1.67
C THR B 6 -19.40 -4.73 2.40
N GLY B 7 -19.59 -4.81 3.72
CA GLY B 7 -19.75 -3.60 4.53
C GLY B 7 -21.07 -2.87 4.30
N GLY B 8 -22.09 -3.61 3.86
CA GLY B 8 -23.38 -2.99 3.59
C GLY B 8 -24.17 -2.57 4.82
N ALA B 9 -23.70 -2.93 6.01
CA ALA B 9 -24.40 -2.56 7.25
C ALA B 9 -23.82 -1.27 7.84
N GLY B 10 -22.88 -0.68 7.12
CA GLY B 10 -22.27 0.57 7.58
C GLY B 10 -22.93 1.80 7.00
N PHE B 11 -22.29 2.95 7.19
CA PHE B 11 -22.78 4.23 6.73
C PHE B 11 -23.03 4.30 5.22
N ILE B 12 -21.96 4.24 4.42
CA ILE B 12 -22.11 4.33 2.98
C ILE B 12 -22.70 3.02 2.42
N GLY B 13 -22.26 1.90 2.98
CA GLY B 13 -22.74 0.61 2.55
C GLY B 13 -24.26 0.47 2.66
N SER B 14 -24.84 0.93 3.76
CA SER B 14 -26.29 0.82 3.93
C SER B 14 -27.01 1.71 2.92
N ALA B 15 -26.43 2.86 2.61
CA ALA B 15 -27.02 3.77 1.63
C ALA B 15 -27.02 3.10 0.26
N VAL B 16 -25.95 2.37 -0.03
CA VAL B 16 -25.84 1.69 -1.32
C VAL B 16 -26.89 0.58 -1.41
N VAL B 17 -27.01 -0.22 -0.36
CA VAL B 17 -27.98 -1.31 -0.32
C VAL B 17 -29.40 -0.76 -0.44
N ARG B 18 -29.72 0.25 0.36
CA ARG B 18 -31.06 0.84 0.31
C ARG B 18 -31.38 1.36 -1.09
N HIS B 19 -30.41 2.01 -1.72
CA HIS B 19 -30.59 2.55 -3.05
C HIS B 19 -30.88 1.47 -4.09
N ILE B 20 -30.11 0.38 -4.03
CA ILE B 20 -30.27 -0.73 -4.95
C ILE B 20 -31.63 -1.41 -4.83
N ILE B 21 -32.05 -1.67 -3.60
CA ILE B 21 -33.33 -2.33 -3.38
C ILE B 21 -34.49 -1.41 -3.72
N LYS B 22 -34.37 -0.14 -3.36
CA LYS B 22 -35.44 0.82 -3.60
C LYS B 22 -35.53 1.39 -5.01
N ASN B 23 -34.40 1.54 -5.70
CA ASN B 23 -34.43 2.15 -7.02
C ASN B 23 -33.89 1.39 -8.21
N THR B 24 -33.63 0.10 -8.06
CA THR B 24 -33.12 -0.70 -9.18
C THR B 24 -33.73 -2.09 -9.18
N GLN B 25 -33.42 -2.85 -10.22
CA GLN B 25 -33.93 -4.21 -10.36
C GLN B 25 -32.87 -5.23 -9.99
N ASP B 26 -31.75 -4.76 -9.41
CA ASP B 26 -30.68 -5.66 -9.02
C ASP B 26 -30.93 -6.26 -7.65
N THR B 27 -30.33 -7.41 -7.40
CA THR B 27 -30.47 -8.09 -6.12
C THR B 27 -29.20 -7.86 -5.31
N VAL B 28 -29.26 -8.14 -4.01
CA VAL B 28 -28.10 -7.91 -3.15
C VAL B 28 -27.85 -8.96 -2.08
N VAL B 29 -26.58 -9.31 -1.92
CA VAL B 29 -26.17 -10.22 -0.86
C VAL B 29 -25.15 -9.39 -0.07
N ASN B 30 -25.54 -9.02 1.14
CA ASN B 30 -24.73 -8.18 2.01
C ASN B 30 -23.88 -8.98 2.99
N ILE B 31 -22.56 -8.83 2.89
CA ILE B 31 -21.64 -9.51 3.80
C ILE B 31 -21.09 -8.46 4.76
N ASP B 32 -21.34 -8.63 6.05
CA ASP B 32 -20.85 -7.66 7.04
C ASP B 32 -20.54 -8.36 8.35
N LYS B 33 -19.40 -8.01 8.93
CA LYS B 33 -18.92 -8.56 10.19
C LYS B 33 -19.65 -7.97 11.39
N LEU B 34 -20.33 -6.85 11.17
CA LEU B 34 -21.05 -6.14 12.22
C LEU B 34 -20.12 -5.73 13.36
N THR B 35 -19.18 -4.86 13.04
CA THR B 35 -18.25 -4.35 14.05
C THR B 35 -19.08 -3.26 14.72
N TYR B 36 -18.42 -2.41 15.50
CA TYR B 36 -19.12 -1.31 16.15
C TYR B 36 -19.83 -0.48 15.08
N ALA B 37 -19.28 -0.47 13.87
CA ALA B 37 -19.84 0.32 12.78
C ALA B 37 -20.94 -0.34 11.95
N GLY B 38 -21.10 -1.65 12.09
CA GLY B 38 -22.14 -2.34 11.34
C GLY B 38 -23.37 -2.53 12.19
N ASN B 39 -24.51 -2.00 11.75
CA ASN B 39 -25.77 -2.10 12.49
C ASN B 39 -26.90 -2.47 11.53
N LEU B 40 -27.52 -3.62 11.76
CA LEU B 40 -28.61 -4.05 10.89
C LEU B 40 -29.78 -3.09 10.90
N GLU B 41 -29.86 -2.28 11.95
CA GLU B 41 -30.95 -1.32 12.05
C GLU B 41 -30.84 -0.25 10.97
N SER B 42 -29.67 -0.12 10.37
CA SER B 42 -29.47 0.84 9.30
C SER B 42 -30.09 0.31 8.01
N LEU B 43 -30.45 -0.96 8.02
CA LEU B 43 -31.03 -1.61 6.85
C LEU B 43 -32.48 -2.04 7.07
N SER B 44 -33.09 -1.54 8.13
CA SER B 44 -34.48 -1.88 8.46
C SER B 44 -35.45 -1.64 7.32
N ASP B 45 -35.22 -0.59 6.54
CA ASP B 45 -36.10 -0.26 5.43
C ASP B 45 -36.20 -1.34 4.35
N ILE B 46 -35.21 -2.22 4.26
CA ILE B 46 -35.22 -3.24 3.21
C ILE B 46 -34.87 -4.67 3.61
N SER B 47 -34.62 -4.92 4.88
CA SER B 47 -34.23 -6.25 5.34
C SER B 47 -35.19 -7.40 5.01
N GLU B 48 -36.43 -7.08 4.68
CA GLU B 48 -37.40 -8.13 4.37
C GLU B 48 -37.55 -8.44 2.89
N SER B 49 -36.98 -7.60 2.04
CA SER B 49 -37.07 -7.82 0.60
C SER B 49 -36.53 -9.17 0.18
N ASN B 50 -37.24 -9.82 -0.76
CA ASN B 50 -36.82 -11.13 -1.24
C ASN B 50 -35.58 -10.97 -2.13
N ARG B 51 -35.28 -9.72 -2.47
CA ARG B 51 -34.12 -9.40 -3.31
C ARG B 51 -32.91 -9.06 -2.46
N TYR B 52 -33.04 -9.19 -1.15
CA TYR B 52 -31.95 -8.88 -0.23
C TYR B 52 -31.66 -10.07 0.66
N ASN B 53 -30.37 -10.32 0.89
CA ASN B 53 -29.95 -11.40 1.76
C ASN B 53 -28.76 -10.92 2.57
N PHE B 54 -28.75 -11.27 3.85
CA PHE B 54 -27.65 -10.86 4.72
C PHE B 54 -26.81 -12.04 5.18
N GLU B 55 -25.49 -11.86 5.13
CA GLU B 55 -24.56 -12.88 5.58
C GLU B 55 -23.63 -12.24 6.60
N HIS B 56 -23.70 -12.74 7.84
CA HIS B 56 -22.85 -12.24 8.91
C HIS B 56 -21.50 -12.94 8.80
N ALA B 57 -20.52 -12.26 8.20
CA ALA B 57 -19.20 -12.86 8.02
C ALA B 57 -18.10 -11.81 7.92
N ASP B 58 -16.87 -12.27 8.15
CA ASP B 58 -15.66 -11.44 8.10
C ASP B 58 -15.00 -11.69 6.73
N ILE B 59 -14.62 -10.63 6.03
CA ILE B 59 -13.99 -10.81 4.72
C ILE B 59 -12.67 -11.58 4.82
N CYS B 60 -12.13 -11.67 6.04
CA CYS B 60 -10.88 -12.40 6.24
C CYS B 60 -11.10 -13.91 6.31
N ASP B 61 -12.36 -14.30 6.51
CA ASP B 61 -12.75 -15.71 6.61
C ASP B 61 -12.91 -16.26 5.19
N SER B 62 -11.79 -16.58 4.54
CA SER B 62 -11.81 -17.07 3.16
C SER B 62 -12.77 -18.24 2.90
N ALA B 63 -12.75 -19.24 3.78
CA ALA B 63 -13.62 -20.40 3.61
C ALA B 63 -15.09 -20.02 3.51
N GLU B 64 -15.54 -19.13 4.40
CA GLU B 64 -16.93 -18.69 4.40
C GLU B 64 -17.25 -17.79 3.22
N ILE B 65 -16.34 -16.87 2.90
CA ILE B 65 -16.57 -15.97 1.78
C ILE B 65 -16.66 -16.77 0.48
N THR B 66 -15.82 -17.80 0.37
CA THR B 66 -15.83 -18.64 -0.82
C THR B 66 -17.20 -19.29 -0.96
N ARG B 67 -17.69 -19.86 0.13
CA ARG B 67 -18.99 -20.52 0.15
C ARG B 67 -20.11 -19.56 -0.24
N ILE B 68 -20.00 -18.30 0.18
CA ILE B 68 -21.01 -17.31 -0.13
C ILE B 68 -20.99 -16.96 -1.61
N PHE B 69 -19.80 -16.80 -2.19
CA PHE B 69 -19.70 -16.50 -3.62
C PHE B 69 -20.35 -17.60 -4.44
N GLU B 70 -20.07 -18.85 -4.06
CA GLU B 70 -20.61 -20.00 -4.78
C GLU B 70 -22.13 -20.13 -4.65
N GLN B 71 -22.66 -19.79 -3.48
CA GLN B 71 -24.09 -19.89 -3.26
C GLN B 71 -24.89 -18.84 -4.03
N TYR B 72 -24.46 -17.58 -3.94
CA TYR B 72 -25.17 -16.50 -4.61
C TYR B 72 -24.78 -16.20 -6.04
N GLN B 73 -23.63 -16.69 -6.48
CA GLN B 73 -23.16 -16.48 -7.85
C GLN B 73 -23.32 -15.02 -8.30
N PRO B 74 -22.64 -14.10 -7.60
CA PRO B 74 -22.72 -12.67 -7.95
C PRO B 74 -22.19 -12.31 -9.33
N ASP B 75 -22.77 -11.26 -9.90
CA ASP B 75 -22.36 -10.75 -11.21
C ASP B 75 -21.35 -9.64 -11.00
N ALA B 76 -21.37 -9.06 -9.81
CA ALA B 76 -20.46 -7.98 -9.47
C ALA B 76 -20.22 -7.93 -7.98
N VAL B 77 -19.16 -7.24 -7.59
CA VAL B 77 -18.79 -7.08 -6.19
C VAL B 77 -18.58 -5.60 -5.94
N MET B 78 -19.06 -5.13 -4.79
CA MET B 78 -18.89 -3.74 -4.37
C MET B 78 -18.30 -3.88 -2.97
N HIS B 79 -17.01 -3.59 -2.86
CA HIS B 79 -16.27 -3.74 -1.62
C HIS B 79 -16.15 -2.45 -0.81
N LEU B 80 -16.98 -2.35 0.23
CA LEU B 80 -16.98 -1.19 1.11
C LEU B 80 -16.54 -1.53 2.54
N ALA B 81 -16.46 -2.81 2.86
CA ALA B 81 -16.06 -3.23 4.21
C ALA B 81 -14.69 -2.69 4.58
N ALA B 82 -14.60 -2.04 5.74
CA ALA B 82 -13.32 -1.48 6.18
C ALA B 82 -13.44 -0.80 7.53
N GLU B 83 -12.28 -0.52 8.12
CA GLU B 83 -12.20 0.24 9.37
C GLU B 83 -12.04 1.62 8.75
N SER B 84 -12.88 2.58 9.11
CA SER B 84 -12.86 3.88 8.48
C SER B 84 -12.49 5.13 9.26
N HIS B 85 -12.18 4.98 10.54
CA HIS B 85 -11.88 6.18 11.34
C HIS B 85 -10.42 6.48 11.56
N VAL B 86 -9.95 7.60 11.00
CA VAL B 86 -8.57 8.00 11.14
C VAL B 86 -8.13 8.02 12.60
N ASP B 87 -8.95 8.61 13.48
CA ASP B 87 -8.56 8.66 14.88
C ASP B 87 -8.39 7.29 15.52
N ARG B 88 -9.22 6.33 15.15
CA ARG B 88 -9.05 4.99 15.71
C ARG B 88 -7.78 4.35 15.16
N SER B 89 -7.44 4.69 13.92
CA SER B 89 -6.23 4.11 13.31
C SER B 89 -4.95 4.63 13.95
N ILE B 90 -5.01 5.81 14.57
CA ILE B 90 -3.82 6.37 15.21
C ILE B 90 -3.49 5.62 16.49
N THR B 91 -4.51 5.25 17.27
CA THR B 91 -4.28 4.53 18.51
C THR B 91 -4.40 3.01 18.39
N GLY B 92 -5.07 2.53 17.35
CA GLY B 92 -5.24 1.10 17.16
C GLY B 92 -5.13 0.74 15.68
N PRO B 93 -3.93 0.88 15.10
CA PRO B 93 -3.72 0.58 13.68
C PRO B 93 -3.90 -0.86 13.22
N ALA B 94 -3.69 -1.83 14.12
CA ALA B 94 -3.80 -3.24 13.75
C ALA B 94 -5.08 -3.59 12.99
N ALA B 95 -6.22 -3.16 13.51
CA ALA B 95 -7.50 -3.46 12.86
C ALA B 95 -7.55 -2.95 11.42
N PHE B 96 -6.86 -1.86 11.15
CA PHE B 96 -6.84 -1.29 9.80
C PHE B 96 -5.96 -2.12 8.88
N ILE B 97 -4.80 -2.55 9.37
CA ILE B 97 -3.90 -3.39 8.57
C ILE B 97 -4.64 -4.67 8.24
N GLU B 98 -5.23 -5.28 9.27
CA GLU B 98 -5.94 -6.54 9.13
C GLU B 98 -7.14 -6.50 8.20
N THR B 99 -8.08 -5.60 8.45
CA THR B 99 -9.28 -5.52 7.63
C THR B 99 -9.11 -4.85 6.27
N ASN B 100 -8.46 -3.70 6.25
CA ASN B 100 -8.32 -2.95 5.01
C ASN B 100 -7.33 -3.52 4.01
N ILE B 101 -6.20 -4.01 4.50
CA ILE B 101 -5.20 -4.57 3.60
C ILE B 101 -5.34 -6.08 3.44
N VAL B 102 -5.15 -6.82 4.53
CA VAL B 102 -5.22 -8.28 4.45
C VAL B 102 -6.63 -8.75 4.05
N GLY B 103 -7.65 -8.04 4.53
CA GLY B 103 -9.01 -8.42 4.18
C GLY B 103 -9.28 -8.22 2.70
N THR B 104 -8.78 -7.12 2.14
CA THR B 104 -8.99 -6.86 0.71
C THR B 104 -8.26 -7.94 -0.09
N TYR B 105 -7.07 -8.31 0.38
CA TYR B 105 -6.30 -9.36 -0.28
C TYR B 105 -7.11 -10.66 -0.26
N ALA B 106 -7.61 -11.02 0.91
CA ALA B 106 -8.38 -12.24 1.05
C ALA B 106 -9.60 -12.25 0.13
N LEU B 107 -10.28 -11.12 0.03
CA LEU B 107 -11.46 -11.01 -0.83
C LEU B 107 -11.07 -11.10 -2.30
N LEU B 108 -9.97 -10.44 -2.65
CA LEU B 108 -9.48 -10.47 -4.03
C LEU B 108 -9.17 -11.89 -4.48
N GLU B 109 -8.60 -12.70 -3.58
CA GLU B 109 -8.27 -14.08 -3.94
C GLU B 109 -9.50 -14.94 -4.13
N VAL B 110 -10.51 -14.74 -3.30
CA VAL B 110 -11.75 -15.50 -3.44
C VAL B 110 -12.41 -15.09 -4.76
N ALA B 111 -12.44 -13.79 -5.02
CA ALA B 111 -13.04 -13.27 -6.24
C ALA B 111 -12.30 -13.73 -7.49
N ARG B 112 -10.97 -13.76 -7.41
CA ARG B 112 -10.17 -14.18 -8.55
C ARG B 112 -10.48 -15.62 -8.92
N LYS B 113 -10.43 -16.51 -7.95
CA LYS B 113 -10.71 -17.92 -8.18
C LYS B 113 -12.13 -18.13 -8.70
N TYR B 114 -13.06 -17.32 -8.19
CA TYR B 114 -14.45 -17.39 -8.61
C TYR B 114 -14.55 -16.94 -10.07
N TRP B 115 -14.03 -15.77 -10.35
CA TRP B 115 -14.04 -15.17 -11.68
C TRP B 115 -13.36 -16.06 -12.74
N SER B 116 -12.25 -16.67 -12.37
CA SER B 116 -11.51 -17.52 -13.29
C SER B 116 -12.28 -18.75 -13.74
N ALA B 117 -13.15 -19.26 -12.86
CA ALA B 117 -13.93 -20.45 -13.17
C ALA B 117 -15.29 -20.15 -13.81
N LEU B 118 -15.56 -18.88 -14.11
CA LEU B 118 -16.83 -18.50 -14.72
C LEU B 118 -16.88 -18.77 -16.22
N GLY B 119 -18.09 -18.95 -16.74
CA GLY B 119 -18.26 -19.19 -18.15
C GLY B 119 -17.86 -17.95 -18.92
N GLU B 120 -17.57 -18.10 -20.20
CA GLU B 120 -17.16 -16.99 -21.05
C GLU B 120 -17.97 -15.71 -20.86
N ASP B 121 -19.29 -15.84 -20.93
CA ASP B 121 -20.19 -14.70 -20.79
C ASP B 121 -20.09 -14.01 -19.44
N LYS B 122 -20.41 -14.74 -18.37
CA LYS B 122 -20.39 -14.20 -17.02
C LYS B 122 -19.00 -13.71 -16.62
N LYS B 123 -17.96 -14.30 -17.21
CA LYS B 123 -16.59 -13.92 -16.89
C LYS B 123 -16.19 -12.57 -17.50
N ASN B 124 -16.70 -12.27 -18.69
CA ASN B 124 -16.39 -11.01 -19.35
C ASN B 124 -17.14 -9.84 -18.73
N ASN B 125 -18.33 -10.10 -18.22
CA ASN B 125 -19.13 -9.03 -17.62
C ASN B 125 -18.90 -8.81 -16.13
N PHE B 126 -18.23 -9.75 -15.47
CA PHE B 126 -17.97 -9.62 -14.05
C PHE B 126 -17.21 -8.33 -13.75
N ARG B 127 -17.46 -7.76 -12.57
CA ARG B 127 -16.80 -6.52 -12.17
C ARG B 127 -16.54 -6.54 -10.67
N PHE B 128 -15.34 -6.11 -10.28
CA PHE B 128 -14.97 -6.03 -8.87
C PHE B 128 -14.74 -4.55 -8.60
N HIS B 129 -15.72 -3.92 -7.97
CA HIS B 129 -15.68 -2.49 -7.67
C HIS B 129 -15.14 -2.25 -6.27
N HIS B 130 -13.98 -1.62 -6.19
CA HIS B 130 -13.34 -1.32 -4.92
C HIS B 130 -13.67 0.12 -4.53
N ILE B 131 -14.34 0.29 -3.39
CA ILE B 131 -14.70 1.62 -2.93
C ILE B 131 -13.59 2.16 -2.05
N SER B 132 -13.06 3.32 -2.41
CA SER B 132 -11.98 3.90 -1.64
C SER B 132 -12.16 5.38 -1.33
N THR B 133 -11.10 5.96 -0.77
CA THR B 133 -11.13 7.34 -0.30
C THR B 133 -10.13 8.29 -0.93
N ASP B 134 -10.45 9.58 -0.88
CA ASP B 134 -9.57 10.61 -1.42
C ASP B 134 -8.33 10.76 -0.56
N GLU B 135 -8.38 10.24 0.66
CA GLU B 135 -7.24 10.37 1.58
C GLU B 135 -5.97 9.67 1.11
N VAL B 136 -6.10 8.75 0.16
CA VAL B 136 -4.91 8.04 -0.36
C VAL B 136 -3.97 9.01 -1.07
N TYR B 137 -4.50 10.14 -1.53
CA TYR B 137 -3.72 11.15 -2.24
C TYR B 137 -2.89 12.06 -1.33
N GLY B 138 -3.11 11.95 -0.02
CA GLY B 138 -2.36 12.79 0.89
C GLY B 138 -3.03 14.13 1.13
N ASP B 139 -2.22 15.14 1.42
CA ASP B 139 -2.72 16.48 1.71
C ASP B 139 -2.51 17.44 0.52
N LEU B 140 -3.32 18.50 0.47
CA LEU B 140 -3.22 19.50 -0.59
C LEU B 140 -2.84 20.84 -0.01
N PRO B 141 -2.21 21.72 -0.82
CA PRO B 141 -1.83 23.04 -0.32
C PRO B 141 -3.08 23.74 0.24
N HIS B 142 -2.92 24.43 1.35
CA HIS B 142 -4.03 25.12 2.02
C HIS B 142 -4.08 26.59 1.59
N PRO B 143 -5.29 27.18 1.53
CA PRO B 143 -5.45 28.58 1.14
C PRO B 143 -4.50 29.55 1.85
N ASP B 144 -4.21 29.29 3.12
CA ASP B 144 -3.31 30.18 3.87
C ASP B 144 -1.83 29.91 3.62
N GLU B 145 -1.53 29.08 2.62
CA GLU B 145 -0.13 28.77 2.30
C GLU B 145 0.26 29.30 0.93
N VAL B 146 -0.73 29.75 0.16
CA VAL B 146 -0.46 30.25 -1.18
C VAL B 146 -1.00 31.66 -1.40
N GLU B 147 -0.58 32.27 -2.51
CA GLU B 147 -1.01 33.61 -2.87
C GLU B 147 -2.53 33.61 -3.02
N ASN B 148 -3.16 34.65 -2.50
CA ASN B 148 -4.62 34.79 -2.56
C ASN B 148 -5.15 34.88 -3.99
N SER B 149 -4.26 34.68 -4.96
CA SER B 149 -4.64 34.74 -6.37
C SER B 149 -4.50 33.41 -7.09
N VAL B 150 -3.47 32.65 -6.74
CA VAL B 150 -3.21 31.35 -7.36
C VAL B 150 -4.36 30.38 -7.15
N THR B 151 -4.61 29.55 -8.16
CA THR B 151 -5.67 28.54 -8.10
C THR B 151 -5.17 27.32 -7.34
N LEU B 152 -5.94 26.89 -6.34
CA LEU B 152 -5.57 25.74 -5.54
C LEU B 152 -5.74 24.43 -6.29
N PRO B 153 -4.77 23.51 -6.16
CA PRO B 153 -4.88 22.23 -6.85
C PRO B 153 -5.96 21.34 -6.24
N LEU B 154 -6.40 20.35 -7.01
CA LEU B 154 -7.42 19.40 -6.57
C LEU B 154 -6.88 18.00 -6.80
N PHE B 155 -7.53 17.01 -6.21
CA PHE B 155 -7.13 15.61 -6.38
C PHE B 155 -7.71 15.11 -7.70
N THR B 156 -6.88 14.57 -8.58
CA THR B 156 -7.37 14.01 -9.84
C THR B 156 -6.99 12.53 -9.82
N GLU B 157 -7.49 11.76 -10.76
CA GLU B 157 -7.19 10.34 -10.82
C GLU B 157 -5.72 10.02 -11.05
N THR B 158 -4.93 11.02 -11.43
CA THR B 158 -3.51 10.79 -11.67
C THR B 158 -2.62 11.37 -10.55
N THR B 159 -3.25 11.90 -9.52
CA THR B 159 -2.51 12.47 -8.40
C THR B 159 -1.76 11.33 -7.69
N ALA B 160 -0.52 11.57 -7.32
CA ALA B 160 0.29 10.55 -6.66
C ALA B 160 -0.19 10.22 -5.26
N TYR B 161 -0.17 8.94 -4.91
CA TYR B 161 -0.58 8.50 -3.58
C TYR B 161 0.45 9.00 -2.57
N ALA B 162 -0.03 9.46 -1.42
CA ALA B 162 0.85 9.95 -0.36
C ALA B 162 0.05 9.96 0.95
N PRO B 163 -0.47 8.79 1.36
CA PRO B 163 -1.25 8.66 2.59
C PRO B 163 -0.54 9.14 3.85
N SER B 164 -1.25 9.89 4.69
CA SER B 164 -0.69 10.44 5.92
C SER B 164 -0.93 9.64 7.20
N SER B 165 -2.03 8.89 7.24
CA SER B 165 -2.38 8.14 8.45
C SER B 165 -2.41 6.64 8.26
N PRO B 166 -2.46 5.88 9.37
CA PRO B 166 -2.51 4.42 9.23
C PRO B 166 -3.76 4.05 8.41
N TYR B 167 -4.85 4.78 8.64
CA TYR B 167 -6.08 4.53 7.89
C TYR B 167 -5.87 4.76 6.39
N SER B 168 -5.42 5.95 6.02
CA SER B 168 -5.25 6.25 4.59
C SER B 168 -4.17 5.38 3.95
N ALA B 169 -3.16 4.99 4.72
CA ALA B 169 -2.11 4.13 4.18
C ALA B 169 -2.72 2.76 3.92
N SER B 170 -3.61 2.34 4.81
CA SER B 170 -4.28 1.04 4.67
C SER B 170 -5.14 1.01 3.43
N LYS B 171 -5.85 2.11 3.16
CA LYS B 171 -6.69 2.19 1.98
C LYS B 171 -5.86 2.30 0.71
N ALA B 172 -4.78 3.07 0.76
CA ALA B 172 -3.92 3.21 -0.41
C ALA B 172 -3.37 1.84 -0.77
N SER B 173 -3.00 1.08 0.25
CA SER B 173 -2.46 -0.27 0.04
C SER B 173 -3.52 -1.16 -0.61
N SER B 174 -4.76 -1.09 -0.11
CA SER B 174 -5.82 -1.92 -0.69
C SER B 174 -6.03 -1.56 -2.15
N ASP B 175 -5.94 -0.27 -2.48
CA ASP B 175 -6.09 0.19 -3.88
C ASP B 175 -5.02 -0.47 -4.76
N HIS B 176 -3.78 -0.48 -4.28
CA HIS B 176 -2.69 -1.08 -5.05
C HIS B 176 -2.90 -2.56 -5.30
N LEU B 177 -3.41 -3.26 -4.28
CA LEU B 177 -3.66 -4.69 -4.43
C LEU B 177 -4.70 -4.92 -5.51
N VAL B 178 -5.76 -4.10 -5.50
CA VAL B 178 -6.81 -4.23 -6.50
C VAL B 178 -6.27 -4.03 -7.91
N ARG B 179 -5.47 -2.98 -8.12
CA ARG B 179 -4.92 -2.71 -9.45
C ARG B 179 -3.87 -3.73 -9.86
N ALA B 180 -3.14 -4.28 -8.90
CA ALA B 180 -2.12 -5.29 -9.20
C ALA B 180 -2.79 -6.61 -9.59
N TRP B 181 -3.94 -6.90 -8.99
CA TRP B 181 -4.65 -8.13 -9.31
C TRP B 181 -5.18 -8.04 -10.73
N ARG B 182 -5.53 -6.83 -11.14
CA ARG B 182 -6.03 -6.56 -12.49
C ARG B 182 -4.89 -6.74 -13.50
N ARG B 183 -3.76 -6.10 -13.23
CA ARG B 183 -2.61 -6.18 -14.13
C ARG B 183 -2.01 -7.59 -14.21
N THR B 184 -1.94 -8.29 -13.09
CA THR B 184 -1.35 -9.61 -13.05
C THR B 184 -2.27 -10.76 -13.45
N TYR B 185 -3.50 -10.75 -12.98
CA TYR B 185 -4.44 -11.83 -13.27
C TYR B 185 -5.55 -11.50 -14.27
N GLY B 186 -5.74 -10.22 -14.57
CA GLY B 186 -6.77 -9.84 -15.51
C GLY B 186 -8.12 -9.55 -14.86
N LEU B 187 -8.20 -9.71 -13.54
CA LEU B 187 -9.45 -9.45 -12.83
C LEU B 187 -10.00 -8.08 -13.22
N PRO B 188 -11.26 -8.01 -13.68
CA PRO B 188 -11.86 -6.74 -14.08
C PRO B 188 -12.28 -5.89 -12.88
N THR B 189 -11.34 -5.10 -12.39
CA THR B 189 -11.56 -4.24 -11.23
C THR B 189 -11.79 -2.79 -11.60
N ILE B 190 -12.41 -2.06 -10.67
CA ILE B 190 -12.67 -0.64 -10.84
C ILE B 190 -12.43 -0.04 -9.45
N VAL B 191 -11.83 1.13 -9.40
CA VAL B 191 -11.55 1.79 -8.12
C VAL B 191 -12.16 3.20 -8.10
N THR B 192 -12.84 3.53 -7.01
CA THR B 192 -13.39 4.86 -6.87
C THR B 192 -12.82 5.47 -5.59
N ASN B 193 -12.56 6.76 -5.64
CA ASN B 193 -12.02 7.50 -4.50
C ASN B 193 -12.90 8.72 -4.31
N CYS B 194 -13.63 8.75 -3.20
CA CYS B 194 -14.52 9.88 -2.96
C CYS B 194 -14.13 10.74 -1.78
N SER B 195 -14.69 11.95 -1.76
CA SER B 195 -14.45 12.91 -0.70
C SER B 195 -15.23 12.46 0.53
N ASN B 196 -15.16 13.26 1.59
CA ASN B 196 -15.86 12.96 2.83
C ASN B 196 -17.36 12.85 2.57
N ASN B 197 -18.00 11.85 3.19
CA ASN B 197 -19.44 11.68 3.07
C ASN B 197 -20.07 12.15 4.38
N TYR B 198 -21.36 12.50 4.32
CA TYR B 198 -22.11 12.90 5.52
C TYR B 198 -23.57 12.66 5.18
N GLY B 199 -24.40 12.54 6.22
CA GLY B 199 -25.81 12.30 6.00
C GLY B 199 -26.39 11.28 6.95
N PRO B 200 -27.58 10.74 6.64
CA PRO B 200 -28.25 9.73 7.48
C PRO B 200 -27.43 8.47 7.74
N TYR B 201 -27.63 7.90 8.93
CA TYR B 201 -26.98 6.68 9.37
C TYR B 201 -25.46 6.76 9.48
N HIS B 202 -24.95 7.95 9.76
CA HIS B 202 -23.51 8.16 9.90
C HIS B 202 -23.16 7.84 11.36
N PHE B 203 -22.18 6.96 11.59
CA PHE B 203 -21.83 6.64 12.96
C PHE B 203 -21.30 7.89 13.66
N PRO B 204 -21.79 8.16 14.88
CA PRO B 204 -21.42 9.32 15.70
C PRO B 204 -19.97 9.53 16.14
N GLU B 205 -19.00 9.10 15.33
CA GLU B 205 -17.60 9.31 15.69
C GLU B 205 -16.98 10.27 14.68
N LYS B 206 -17.65 10.46 13.54
CA LYS B 206 -17.14 11.38 12.53
C LYS B 206 -17.61 12.79 12.86
N LEU B 207 -16.91 13.79 12.35
CA LEU B 207 -17.20 15.20 12.67
C LEU B 207 -18.66 15.64 12.74
N ILE B 208 -19.37 15.53 11.63
CA ILE B 208 -20.75 16.00 11.59
C ILE B 208 -21.72 15.32 12.56
N PRO B 209 -21.84 13.98 12.52
CA PRO B 209 -22.78 13.37 13.46
C PRO B 209 -22.38 13.54 14.93
N LEU B 210 -21.07 13.55 15.20
CA LEU B 210 -20.60 13.74 16.56
C LEU B 210 -21.00 15.13 17.07
N VAL B 211 -20.82 16.12 16.21
CA VAL B 211 -21.16 17.50 16.58
C VAL B 211 -22.66 17.68 16.78
N ILE B 212 -23.47 17.12 15.88
CA ILE B 212 -24.92 17.22 16.01
C ILE B 212 -25.40 16.62 17.33
N LEU B 213 -24.96 15.39 17.60
CA LEU B 213 -25.37 14.71 18.81
C LEU B 213 -24.82 15.33 20.09
N ASN B 214 -23.54 15.71 20.09
CA ASN B 214 -22.97 16.33 21.28
C ASN B 214 -23.69 17.64 21.58
N ALA B 215 -24.05 18.37 20.53
CA ALA B 215 -24.76 19.64 20.71
C ALA B 215 -26.09 19.41 21.42
N LEU B 216 -26.83 18.41 20.94
CA LEU B 216 -28.14 18.10 21.51
C LEU B 216 -28.07 17.49 22.90
N GLU B 217 -26.90 16.95 23.27
CA GLU B 217 -26.73 16.36 24.60
C GLU B 217 -26.03 17.32 25.56
N GLY B 218 -25.86 18.57 25.14
CA GLY B 218 -25.22 19.56 25.98
C GLY B 218 -23.75 19.34 26.22
N LYS B 219 -23.11 18.61 25.31
CA LYS B 219 -21.69 18.29 25.42
C LYS B 219 -20.83 19.19 24.53
N PRO B 220 -19.51 19.19 24.76
CA PRO B 220 -18.60 20.02 23.97
C PRO B 220 -18.56 19.58 22.50
N LEU B 221 -18.28 20.54 21.62
CA LEU B 221 -18.14 20.27 20.18
C LEU B 221 -16.64 20.44 20.01
N PRO B 222 -15.89 19.32 19.98
CA PRO B 222 -14.44 19.31 19.84
C PRO B 222 -13.83 19.64 18.49
N ILE B 223 -13.15 20.79 18.44
CA ILE B 223 -12.49 21.24 17.22
C ILE B 223 -10.99 20.98 17.31
N TYR B 224 -10.47 20.13 16.42
CA TYR B 224 -9.03 19.83 16.42
C TYR B 224 -8.28 21.05 15.89
N GLY B 225 -7.28 21.52 16.64
CA GLY B 225 -6.52 22.68 16.21
C GLY B 225 -7.40 23.91 16.14
N LYS B 226 -7.32 24.66 15.03
CA LYS B 226 -8.12 25.88 14.88
C LYS B 226 -9.39 25.67 14.06
N GLY B 227 -9.58 24.46 13.54
CA GLY B 227 -10.76 24.19 12.75
C GLY B 227 -10.71 24.86 11.38
N ASP B 228 -9.51 25.23 10.95
CA ASP B 228 -9.37 25.88 9.66
C ASP B 228 -9.08 24.84 8.57
N GLN B 229 -9.04 23.57 8.95
CA GLN B 229 -8.79 22.50 8.01
C GLN B 229 -9.99 22.36 7.08
N ILE B 230 -9.73 21.93 5.84
CA ILE B 230 -10.77 21.81 4.83
C ILE B 230 -11.10 20.39 4.36
N ARG B 231 -12.40 20.14 4.20
CA ARG B 231 -12.90 18.85 3.72
C ARG B 231 -13.93 19.11 2.63
N ASP B 232 -14.07 18.16 1.72
CA ASP B 232 -14.98 18.22 0.58
C ASP B 232 -16.18 17.34 0.91
N TRP B 233 -17.33 17.95 1.18
CA TRP B 233 -18.52 17.20 1.59
C TRP B 233 -19.54 16.76 0.55
N LEU B 234 -19.73 15.45 0.48
CA LEU B 234 -20.69 14.86 -0.46
C LEU B 234 -21.77 14.11 0.33
N TYR B 235 -23.03 14.39 0.01
CA TYR B 235 -24.14 13.73 0.69
C TYR B 235 -24.07 12.23 0.38
N VAL B 236 -24.25 11.41 1.40
CA VAL B 236 -24.15 9.96 1.25
C VAL B 236 -25.04 9.34 0.18
N GLU B 237 -26.23 9.92 -0.04
CA GLU B 237 -27.12 9.36 -1.05
C GLU B 237 -26.60 9.66 -2.45
N ASP B 238 -25.86 10.77 -2.60
CA ASP B 238 -25.29 11.11 -3.89
C ASP B 238 -24.14 10.15 -4.20
N HIS B 239 -23.39 9.79 -3.18
CA HIS B 239 -22.27 8.85 -3.35
C HIS B 239 -22.86 7.51 -3.77
N ALA B 240 -23.92 7.09 -3.08
CA ALA B 240 -24.57 5.81 -3.38
C ALA B 240 -25.01 5.74 -4.84
N ARG B 241 -25.60 6.82 -5.33
CA ARG B 241 -26.05 6.84 -6.72
C ARG B 241 -24.86 6.73 -7.68
N ALA B 242 -23.78 7.43 -7.37
CA ALA B 242 -22.57 7.39 -8.20
C ALA B 242 -21.97 5.99 -8.21
N LEU B 243 -21.93 5.34 -7.05
CA LEU B 243 -21.37 4.01 -6.95
C LEU B 243 -22.11 2.98 -7.79
N HIS B 244 -23.44 2.99 -7.74
CA HIS B 244 -24.20 2.02 -8.53
C HIS B 244 -24.01 2.29 -10.02
N MET B 245 -23.82 3.55 -10.36
CA MET B 245 -23.61 3.95 -11.74
C MET B 245 -22.26 3.39 -12.19
N VAL B 246 -21.27 3.48 -11.32
CA VAL B 246 -19.92 2.99 -11.64
C VAL B 246 -19.87 1.48 -11.81
N VAL B 247 -20.44 0.74 -10.88
CA VAL B 247 -20.40 -0.72 -10.98
C VAL B 247 -21.18 -1.23 -12.19
N THR B 248 -22.19 -0.46 -12.60
CA THR B 248 -23.04 -0.82 -13.74
C THR B 248 -22.50 -0.36 -15.09
N GLU B 249 -22.02 0.88 -15.15
CA GLU B 249 -21.51 1.44 -16.39
C GLU B 249 -20.01 1.71 -16.43
N GLY B 250 -19.34 1.56 -15.30
CA GLY B 250 -17.91 1.82 -15.25
C GLY B 250 -17.10 0.90 -16.13
N LYS B 251 -15.95 1.38 -16.58
CA LYS B 251 -15.05 0.62 -17.44
C LYS B 251 -13.97 -0.07 -16.61
N ALA B 252 -13.76 -1.36 -16.86
CA ALA B 252 -12.75 -2.13 -16.14
C ALA B 252 -11.37 -1.47 -16.26
N GLY B 253 -10.64 -1.45 -15.15
CA GLY B 253 -9.31 -0.86 -15.15
C GLY B 253 -9.29 0.64 -14.96
N GLU B 254 -10.46 1.27 -14.85
CA GLU B 254 -10.54 2.72 -14.67
C GLU B 254 -10.69 3.13 -13.21
N THR B 255 -10.34 4.38 -12.94
CA THR B 255 -10.44 4.97 -11.61
C THR B 255 -11.34 6.20 -11.75
N TYR B 256 -12.24 6.38 -10.78
CA TYR B 256 -13.14 7.53 -10.81
C TYR B 256 -13.15 8.22 -9.46
N ASN B 257 -12.77 9.49 -9.43
CA ASN B 257 -12.83 10.27 -8.20
C ASN B 257 -14.29 10.69 -8.10
N ILE B 258 -14.81 10.77 -6.88
CA ILE B 258 -16.20 11.17 -6.69
C ILE B 258 -16.25 12.29 -5.67
N GLY B 259 -17.01 13.34 -5.98
CA GLY B 259 -17.13 14.47 -5.08
C GLY B 259 -18.05 15.53 -5.66
N GLY B 260 -18.49 16.47 -4.82
CA GLY B 260 -19.38 17.51 -5.29
C GLY B 260 -18.79 18.91 -5.30
N HIS B 261 -17.46 18.99 -5.20
CA HIS B 261 -16.78 20.28 -5.21
C HIS B 261 -17.39 21.20 -4.15
N ASN B 262 -17.41 20.73 -2.91
CA ASN B 262 -17.95 21.49 -1.79
C ASN B 262 -16.93 21.65 -0.66
N GLU B 263 -15.84 22.38 -0.92
CA GLU B 263 -14.83 22.58 0.12
C GLU B 263 -15.42 23.45 1.24
N LYS B 264 -15.19 23.04 2.48
CA LYS B 264 -15.67 23.78 3.64
C LYS B 264 -14.65 23.67 4.76
N LYS B 265 -14.53 24.71 5.57
CA LYS B 265 -13.62 24.67 6.71
C LYS B 265 -14.40 24.01 7.85
N ASN B 266 -13.74 23.16 8.62
CA ASN B 266 -14.39 22.47 9.73
C ASN B 266 -15.20 23.39 10.64
N LEU B 267 -14.58 24.49 11.07
CA LEU B 267 -15.26 25.42 11.97
C LEU B 267 -16.53 25.98 11.34
N ASP B 268 -16.50 26.21 10.04
CA ASP B 268 -17.65 26.74 9.33
C ASP B 268 -18.78 25.72 9.33
N VAL B 269 -18.43 24.44 9.18
CA VAL B 269 -19.42 23.37 9.19
C VAL B 269 -20.07 23.29 10.58
N VAL B 270 -19.26 23.43 11.62
CA VAL B 270 -19.79 23.38 12.98
C VAL B 270 -20.73 24.57 13.22
N PHE B 271 -20.33 25.77 12.80
CA PHE B 271 -21.18 26.94 12.97
C PHE B 271 -22.50 26.74 12.22
N THR B 272 -22.43 26.14 11.03
CA THR B 272 -23.63 25.89 10.24
C THR B 272 -24.58 24.96 10.98
N ILE B 273 -24.02 23.93 11.62
CA ILE B 273 -24.83 22.98 12.37
C ILE B 273 -25.45 23.70 13.59
N CYS B 274 -24.65 24.51 14.26
CA CYS B 274 -25.14 25.24 15.44
C CYS B 274 -26.27 26.19 15.05
N ASP B 275 -26.14 26.84 13.89
CA ASP B 275 -27.18 27.77 13.45
C ASP B 275 -28.48 27.03 13.15
N LEU B 276 -28.35 25.84 12.56
CA LEU B 276 -29.52 25.02 12.24
C LEU B 276 -30.22 24.59 13.52
N LEU B 277 -29.45 24.17 14.52
CA LEU B 277 -30.04 23.74 15.78
C LEU B 277 -30.61 24.92 16.56
N ASP B 278 -29.97 26.09 16.46
CA ASP B 278 -30.48 27.27 17.15
C ASP B 278 -31.86 27.60 16.59
N GLU B 279 -32.06 27.27 15.32
CA GLU B 279 -33.31 27.52 14.62
C GLU B 279 -34.38 26.47 14.89
N ILE B 280 -34.00 25.20 14.73
CA ILE B 280 -34.93 24.09 14.91
C ILE B 280 -35.21 23.66 16.34
N VAL B 281 -34.19 23.68 17.20
CA VAL B 281 -34.34 23.26 18.58
C VAL B 281 -33.71 24.32 19.50
N PRO B 282 -34.24 25.56 19.45
CA PRO B 282 -33.73 26.66 20.27
C PRO B 282 -33.72 26.44 21.78
N LYS B 283 -32.70 26.98 22.44
CA LYS B 283 -32.61 26.90 23.89
C LYS B 283 -32.11 28.23 24.44
N ALA B 284 -31.85 28.29 25.75
CA ALA B 284 -31.42 29.52 26.41
C ALA B 284 -30.18 30.20 25.83
N THR B 285 -29.24 29.39 25.36
CA THR B 285 -28.00 29.92 24.80
C THR B 285 -27.75 29.29 23.44
N SER B 286 -26.87 29.88 22.65
CA SER B 286 -26.57 29.31 21.34
C SER B 286 -25.77 28.03 21.52
N TYR B 287 -25.95 27.08 20.60
CA TYR B 287 -25.21 25.83 20.66
C TYR B 287 -23.73 26.13 20.42
N ARG B 288 -23.46 27.28 19.80
CA ARG B 288 -22.07 27.69 19.53
C ARG B 288 -21.26 27.75 20.80
N GLU B 289 -21.92 28.02 21.93
CA GLU B 289 -21.23 28.13 23.20
C GLU B 289 -20.57 26.83 23.65
N GLN B 290 -20.92 25.72 23.00
CA GLN B 290 -20.35 24.43 23.35
C GLN B 290 -19.07 24.12 22.57
N ILE B 291 -18.77 24.94 21.57
CA ILE B 291 -17.57 24.75 20.76
C ILE B 291 -16.33 24.87 21.66
N THR B 292 -15.41 23.91 21.53
CA THR B 292 -14.18 23.93 22.32
C THR B 292 -13.00 23.51 21.45
N TYR B 293 -11.89 24.25 21.57
CA TYR B 293 -10.69 23.97 20.80
C TYR B 293 -9.80 22.98 21.55
N VAL B 294 -9.60 21.81 20.96
CA VAL B 294 -8.82 20.75 21.57
C VAL B 294 -7.53 20.44 20.83
N ALA B 295 -6.69 19.58 21.43
CA ALA B 295 -5.42 19.20 20.81
C ALA B 295 -5.66 18.69 19.40
N ASP B 296 -4.80 19.13 18.48
CA ASP B 296 -4.93 18.73 17.08
C ASP B 296 -4.63 17.25 16.86
N ARG B 297 -5.18 16.71 15.79
CA ARG B 297 -4.96 15.31 15.43
C ARG B 297 -3.53 15.19 14.92
N PRO B 298 -2.78 14.18 15.39
CA PRO B 298 -1.40 14.00 14.92
C PRO B 298 -1.39 13.73 13.41
N GLY B 299 -0.54 14.44 12.67
CA GLY B 299 -0.44 14.24 11.23
C GLY B 299 -1.63 14.71 10.42
N HIS B 300 -2.50 15.49 11.06
CA HIS B 300 -3.71 16.01 10.43
C HIS B 300 -3.55 16.57 9.01
N ASP B 301 -4.31 16.06 8.05
CA ASP B 301 -4.25 16.58 6.68
C ASP B 301 -5.11 17.85 6.70
N ARG B 302 -4.54 18.97 6.28
CA ARG B 302 -5.25 20.24 6.31
C ARG B 302 -6.22 20.56 5.18
N ARG B 303 -6.16 19.84 4.06
CA ARG B 303 -7.09 20.12 2.97
C ARG B 303 -7.30 19.01 1.94
N TYR B 304 -8.55 18.59 1.79
CA TYR B 304 -8.93 17.60 0.79
C TYR B 304 -9.90 18.29 -0.16
N ALA B 305 -9.74 18.04 -1.46
CA ALA B 305 -10.61 18.62 -2.47
C ALA B 305 -10.53 17.73 -3.70
N ILE B 306 -11.67 17.15 -4.07
CA ILE B 306 -11.76 16.24 -5.21
C ILE B 306 -12.22 16.88 -6.51
N ASP B 307 -11.54 16.54 -7.60
CA ASP B 307 -11.92 17.01 -8.93
C ASP B 307 -12.69 15.83 -9.53
N ALA B 308 -14.01 15.97 -9.63
CA ALA B 308 -14.85 14.91 -10.15
C ALA B 308 -15.16 15.10 -11.64
N GLY B 309 -14.30 15.83 -12.33
CA GLY B 309 -14.51 16.08 -13.75
C GLY B 309 -14.65 14.82 -14.59
N LYS B 310 -13.80 13.82 -14.35
CA LYS B 310 -13.84 12.59 -15.12
C LYS B 310 -15.14 11.79 -15.04
N ILE B 311 -15.62 11.51 -13.83
CA ILE B 311 -16.84 10.74 -13.70
C ILE B 311 -18.03 11.53 -14.24
N SER B 312 -17.91 12.85 -14.19
CA SER B 312 -18.98 13.72 -14.68
C SER B 312 -19.11 13.64 -16.19
N ARG B 313 -17.99 13.83 -16.91
CA ARG B 313 -18.02 13.78 -18.36
C ARG B 313 -18.10 12.37 -18.95
N GLU B 314 -17.63 11.37 -18.20
CA GLU B 314 -17.66 10.00 -18.71
C GLU B 314 -18.90 9.20 -18.34
N LEU B 315 -19.42 9.39 -17.13
CA LEU B 315 -20.61 8.65 -16.72
C LEU B 315 -21.82 9.57 -16.58
N GLY B 316 -21.59 10.87 -16.59
CA GLY B 316 -22.69 11.83 -16.48
C GLY B 316 -23.28 11.98 -15.10
N TRP B 317 -22.56 11.52 -14.08
CA TRP B 317 -23.04 11.62 -12.70
C TRP B 317 -22.96 13.06 -12.20
N LYS B 318 -23.96 13.43 -11.40
CA LYS B 318 -24.02 14.76 -10.79
C LYS B 318 -24.73 14.64 -9.45
N PRO B 319 -24.23 15.34 -8.42
CA PRO B 319 -24.89 15.27 -7.12
C PRO B 319 -26.21 16.02 -7.17
N LEU B 320 -27.20 15.53 -6.43
CA LEU B 320 -28.52 16.17 -6.41
C LEU B 320 -28.65 17.19 -5.28
N GLU B 321 -27.87 16.99 -4.22
CA GLU B 321 -27.91 17.90 -3.08
C GLU B 321 -26.81 18.94 -3.16
N THR B 322 -26.99 20.02 -2.40
CA THR B 322 -25.99 21.07 -2.29
C THR B 322 -25.61 20.87 -0.83
N PHE B 323 -24.53 21.46 -0.36
CA PHE B 323 -24.18 21.25 1.04
C PHE B 323 -25.29 21.83 1.92
N GLU B 324 -25.85 22.96 1.48
CA GLU B 324 -26.92 23.61 2.23
C GLU B 324 -28.12 22.68 2.41
N SER B 325 -28.58 22.08 1.31
CA SER B 325 -29.72 21.18 1.36
C SER B 325 -29.40 19.89 2.10
N GLY B 326 -28.19 19.38 1.90
CA GLY B 326 -27.80 18.14 2.55
C GLY B 326 -27.60 18.24 4.05
N ILE B 327 -26.95 19.30 4.50
CA ILE B 327 -26.69 19.45 5.93
C ILE B 327 -27.99 19.65 6.73
N ARG B 328 -28.97 20.31 6.12
CA ARG B 328 -30.25 20.50 6.81
C ARG B 328 -30.95 19.15 6.92
N LYS B 329 -30.90 18.36 5.84
CA LYS B 329 -31.52 17.03 5.86
C LYS B 329 -30.85 16.15 6.91
N THR B 330 -29.55 16.30 7.08
CA THR B 330 -28.80 15.51 8.04
C THR B 330 -29.23 15.86 9.46
N VAL B 331 -29.28 17.15 9.76
CA VAL B 331 -29.70 17.59 11.09
C VAL B 331 -31.12 17.09 11.38
N GLU B 332 -32.01 17.26 10.41
CA GLU B 332 -33.40 16.83 10.58
C GLU B 332 -33.46 15.31 10.80
N TRP B 333 -32.61 14.57 10.08
CA TRP B 333 -32.61 13.11 10.22
C TRP B 333 -32.23 12.67 11.63
N TYR B 334 -31.19 13.27 12.22
CA TYR B 334 -30.80 12.87 13.56
C TYR B 334 -31.87 13.22 14.60
N LEU B 335 -32.54 14.36 14.40
CA LEU B 335 -33.58 14.78 15.32
C LEU B 335 -34.75 13.79 15.30
N ALA B 336 -35.01 13.23 14.13
CA ALA B 336 -36.11 12.28 13.96
C ALA B 336 -35.73 10.81 14.21
N ASN B 337 -34.44 10.53 14.34
CA ASN B 337 -34.01 9.14 14.54
C ASN B 337 -33.24 8.84 15.81
N THR B 338 -33.76 9.30 16.95
CA THR B 338 -33.11 9.05 18.21
C THR B 338 -33.05 7.56 18.51
N GLN B 339 -34.04 6.80 18.03
CA GLN B 339 -34.06 5.36 18.26
C GLN B 339 -32.82 4.69 17.66
N TRP B 340 -32.51 5.04 16.42
CA TRP B 340 -31.35 4.48 15.74
C TRP B 340 -30.09 4.87 16.51
N VAL B 341 -29.98 6.15 16.84
CA VAL B 341 -28.84 6.67 17.58
C VAL B 341 -28.63 5.87 18.87
N ASN B 342 -29.69 5.72 19.65
CA ASN B 342 -29.58 4.99 20.91
C ASN B 342 -29.21 3.52 20.70
N ASN B 343 -29.63 2.94 19.57
CA ASN B 343 -29.31 1.55 19.31
C ASN B 343 -27.86 1.36 18.85
N VAL B 344 -27.31 2.38 18.19
CA VAL B 344 -25.93 2.31 17.71
C VAL B 344 -24.92 2.74 18.77
N LYS B 345 -25.31 3.67 19.63
CA LYS B 345 -24.45 4.13 20.71
C LYS B 345 -24.46 3.04 21.78
N SER B 346 -23.30 2.71 22.32
CA SER B 346 -23.22 1.67 23.35
C SER B 346 -22.11 1.96 24.35
N GLY B 347 -21.86 0.99 25.22
CA GLY B 347 -20.82 1.15 26.22
C GLY B 347 -19.46 1.32 25.56
N ALA B 348 -19.25 0.60 24.48
CA ALA B 348 -17.99 0.68 23.75
C ALA B 348 -17.80 2.07 23.17
N TYR B 349 -18.90 2.68 22.72
CA TYR B 349 -18.86 4.01 22.14
C TYR B 349 -18.35 5.02 23.16
N GLN B 350 -18.86 4.95 24.39
CA GLN B 350 -18.42 5.87 25.42
C GLN B 350 -16.96 5.64 25.76
N SER B 351 -16.51 4.39 25.65
CA SER B 351 -15.11 4.08 25.93
C SER B 351 -14.23 4.75 24.87
N TRP B 352 -14.72 4.80 23.63
CA TRP B 352 -13.97 5.43 22.56
C TRP B 352 -13.91 6.94 22.82
N ILE B 353 -15.06 7.50 23.20
CA ILE B 353 -15.12 8.94 23.47
C ILE B 353 -14.13 9.32 24.56
N GLU B 354 -14.10 8.54 25.65
CA GLU B 354 -13.17 8.83 26.74
C GLU B 354 -11.72 8.70 26.26
N GLN B 355 -11.47 7.66 25.48
CA GLN B 355 -10.14 7.40 24.96
C GLN B 355 -9.62 8.54 24.08
N ASN B 356 -10.45 8.96 23.13
CA ASN B 356 -10.05 10.01 22.19
C ASN B 356 -10.22 11.46 22.63
N TYR B 357 -11.19 11.72 23.51
CA TYR B 357 -11.44 13.09 23.93
C TYR B 357 -11.10 13.52 25.35
N GLU B 358 -11.30 12.66 26.34
CA GLU B 358 -11.01 13.06 27.71
C GLU B 358 -9.51 12.96 27.97
N GLY B 359 -8.94 14.01 28.56
CA GLY B 359 -7.52 14.03 28.83
C GLY B 359 -6.78 13.96 27.51
N ARG B 360 -7.48 14.34 26.44
CA ARG B 360 -6.93 14.31 25.09
C ARG B 360 -5.61 15.05 24.95
N GLN B 361 -4.64 14.34 24.36
CA GLN B 361 -3.29 14.85 24.11
C GLN B 361 -2.83 15.91 25.09
#